data_7LZX
#
_entry.id   7LZX
#
_cell.length_a   55.255
_cell.length_b   98.372
_cell.length_c   58.765
_cell.angle_alpha   90.000
_cell.angle_beta   107.870
_cell.angle_gamma   90.000
#
_symmetry.space_group_name_H-M   'P 1 21 1'
#
loop_
_entity.id
_entity.type
_entity.pdbx_description
1 polymer '3C-like proteinase'
2 non-polymer '(1S,2S)-2-((S)-2-((((4,4-dimethylcyclohexyl)oxy)carbonyl)amino)-4-methylpentanamido)-1-hydroxy-3-((S)-2-oxopyrrolidin-3-yl)propane-1-sulfonic acid'
3 non-polymer '(1R,2S)-2-((S)-2-((((4,4-dimethylcyclohexyl)oxy)carbonyl)amino)-4-methylpentanamido)-1-hydroxy-3-((S)-2-oxopyrrolidin-3-yl)propane-1-sulfonic acid'
4 non-polymer 'TETRAETHYLENE GLYCOL'
5 water water
#
_entity_poly.entity_id   1
_entity_poly.type   'polypeptide(L)'
_entity_poly.pdbx_seq_one_letter_code
;SNIGSGFRKMAFPSGKVEGCMVQVTCGTTTLNGLWLDDVVYCPRHVICTSEDMLNPNYEDLLIRKSNHNFLVQAGNVQLR
VIGHSMQNCVLKLKVDTANPKTPKYKFVRIQPGQTFSVLACYNGSPSGVYQCAMRPNFTIKGSFLNGSCGSVGFNIDYDC
VSFCYMHHMELPTGVHAGTDLEGNFYGPFVDRQTAQAAGTDTTITVNVLAWLYAAVINGDRWFLNRFTTTLNDFNLVAMK
YNYEPLTQDHVDILGPLSAQTGIAVLDMCASLKELLQNGMNGRTILGSALLEDEFTPFDVVRQCSGVTF
;
_entity_poly.pdbx_strand_id   A,B
#
loop_
_chem_comp.id
_chem_comp.type
_chem_comp.name
_chem_comp.formula
PG4 non-polymer 'TETRAETHYLENE GLYCOL' 'C8 H18 O5'
YMD non-polymer '(1R,2S)-2-((S)-2-((((4,4-dimethylcyclohexyl)oxy)carbonyl)amino)-4-methylpentanamido)-1-hydroxy-3-((S)-2-oxopyrrolidin-3-yl)propane-1-sulfonic acid' 'C22 H39 N3 O8 S'
YMG non-polymer '(1S,2S)-2-((S)-2-((((4,4-dimethylcyclohexyl)oxy)carbonyl)amino)-4-methylpentanamido)-1-hydroxy-3-((S)-2-oxopyrrolidin-3-yl)propane-1-sulfonic acid' 'C22 H39 N3 O8 S'
#
# COMPACT_ATOMS: atom_id res chain seq x y z
N PHE A 7 0.13 13.08 0.99
CA PHE A 7 -1.11 12.35 0.79
C PHE A 7 -0.89 11.08 -0.04
N ARG A 8 -1.03 9.92 0.62
CA ARG A 8 -0.63 8.64 0.06
C ARG A 8 -1.83 7.72 -0.08
N LYS A 9 -1.70 6.75 -0.98
CA LYS A 9 -2.72 5.72 -1.17
C LYS A 9 -2.58 4.70 -0.04
N MET A 10 -3.56 4.66 0.85
CA MET A 10 -3.45 3.96 2.12
C MET A 10 -4.44 2.79 2.14
N ALA A 11 -3.95 1.60 2.40
CA ALA A 11 -4.79 0.43 2.58
C ALA A 11 -5.18 0.28 4.06
N PHE A 12 -6.29 -0.41 4.30
CA PHE A 12 -6.65 -0.77 5.66
C PHE A 12 -5.66 -1.78 6.21
N PRO A 13 -5.42 -1.77 7.53
CA PRO A 13 -4.58 -2.81 8.12
C PRO A 13 -5.22 -4.18 7.86
N SER A 14 -4.39 -5.15 7.48
CA SER A 14 -4.89 -6.38 6.88
C SER A 14 -4.93 -7.56 7.85
N GLY A 15 -4.50 -7.38 9.09
CA GLY A 15 -4.36 -8.52 9.98
C GLY A 15 -5.63 -9.31 10.19
N LYS A 16 -6.77 -8.64 10.34
CA LYS A 16 -8.02 -9.36 10.55
C LYS A 16 -8.34 -10.26 9.36
N VAL A 17 -7.93 -9.86 8.14
CA VAL A 17 -8.18 -10.71 6.98
C VAL A 17 -7.12 -11.80 6.86
N GLU A 18 -5.86 -11.50 7.24
CA GLU A 18 -4.79 -12.50 7.13
C GLU A 18 -5.15 -13.76 7.91
N GLY A 19 -5.80 -13.58 9.06
CA GLY A 19 -6.15 -14.71 9.90
C GLY A 19 -7.22 -15.59 9.34
N CYS A 20 -7.78 -15.22 8.20
CA CYS A 20 -8.82 -15.99 7.53
C CYS A 20 -8.37 -16.66 6.24
N MET A 21 -7.14 -16.41 5.78
CA MET A 21 -6.75 -16.94 4.47
C MET A 21 -6.27 -18.37 4.61
N VAL A 22 -6.74 -19.24 3.72
CA VAL A 22 -6.33 -20.64 3.65
C VAL A 22 -6.08 -21.02 2.20
N GLN A 23 -5.50 -22.20 2.02
CA GLN A 23 -5.23 -22.75 0.70
C GLN A 23 -6.24 -23.84 0.38
N VAL A 24 -6.75 -23.82 -0.84
CA VAL A 24 -7.73 -24.80 -1.31
C VAL A 24 -7.19 -25.44 -2.57
N THR A 25 -7.14 -26.78 -2.58
CA THR A 25 -6.64 -27.50 -3.74
C THR A 25 -7.67 -28.51 -4.17
N CYS A 26 -7.87 -28.61 -5.48
CA CYS A 26 -8.68 -29.67 -6.06
C CYS A 26 -7.98 -30.13 -7.33
N GLY A 27 -7.61 -31.41 -7.36
CA GLY A 27 -6.84 -31.92 -8.47
C GLY A 27 -5.50 -31.22 -8.49
N THR A 28 -5.18 -30.58 -9.61
CA THR A 28 -3.96 -29.80 -9.76
C THR A 28 -4.24 -28.31 -9.79
N THR A 29 -5.40 -27.87 -9.33
CA THR A 29 -5.71 -26.46 -9.20
C THR A 29 -5.58 -26.05 -7.74
N THR A 30 -4.84 -24.98 -7.48
CA THR A 30 -4.69 -24.44 -6.14
C THR A 30 -4.98 -22.95 -6.19
N LEU A 31 -5.82 -22.49 -5.26
CA LEU A 31 -6.01 -21.06 -5.05
C LEU A 31 -6.28 -20.84 -3.57
N ASN A 32 -6.72 -19.63 -3.23
CA ASN A 32 -6.95 -19.22 -1.86
C ASN A 32 -8.42 -19.34 -1.47
N GLY A 33 -8.66 -19.60 -0.18
CA GLY A 33 -9.99 -19.49 0.37
C GLY A 33 -10.03 -18.57 1.58
N LEU A 34 -11.25 -18.13 1.88
CA LEU A 34 -11.56 -17.29 3.01
C LEU A 34 -12.34 -18.10 4.05
N TRP A 35 -11.71 -18.33 5.21
CA TRP A 35 -12.25 -19.20 6.28
C TRP A 35 -12.89 -18.35 7.36
N LEU A 36 -14.23 -18.34 7.40
CA LEU A 36 -14.99 -17.58 8.39
C LEU A 36 -15.86 -18.58 9.14
N ASP A 37 -15.77 -18.55 10.47
CA ASP A 37 -16.46 -19.54 11.30
C ASP A 37 -16.12 -20.92 10.76
N ASP A 38 -17.09 -21.76 10.37
CA ASP A 38 -16.75 -23.09 9.88
C ASP A 38 -17.00 -23.26 8.38
N VAL A 39 -16.81 -22.19 7.60
CA VAL A 39 -17.06 -22.22 6.16
C VAL A 39 -15.87 -21.58 5.47
N VAL A 40 -15.38 -22.21 4.42
CA VAL A 40 -14.33 -21.67 3.55
C VAL A 40 -14.97 -21.27 2.23
N TYR A 41 -14.80 -20.01 1.84
CA TYR A 41 -15.34 -19.49 0.59
C TYR A 41 -14.21 -19.42 -0.43
N CYS A 42 -14.47 -19.85 -1.67
CA CYS A 42 -13.42 -19.78 -2.67
C CYS A 42 -14.05 -19.76 -4.05
N PRO A 43 -13.28 -19.40 -5.07
CA PRO A 43 -13.82 -19.40 -6.44
C PRO A 43 -14.15 -20.82 -6.87
N ARG A 44 -15.32 -20.98 -7.49
CA ARG A 44 -15.72 -22.33 -7.88
C ARG A 44 -14.87 -22.93 -8.99
N HIS A 45 -14.12 -22.11 -9.77
CA HIS A 45 -13.35 -22.73 -10.85
C HIS A 45 -12.19 -23.57 -10.35
N VAL A 46 -11.97 -23.65 -9.04
CA VAL A 46 -10.98 -24.59 -8.52
C VAL A 46 -11.33 -26.04 -8.92
N ILE A 47 -12.60 -26.32 -9.22
CA ILE A 47 -12.97 -27.71 -9.53
C ILE A 47 -12.74 -28.06 -10.98
N CYS A 48 -12.30 -27.10 -11.79
CA CYS A 48 -12.16 -27.29 -13.23
C CYS A 48 -10.80 -27.86 -13.58
N THR A 49 -10.79 -28.75 -14.56
CA THR A 49 -9.56 -29.18 -15.20
C THR A 49 -9.25 -28.25 -16.37
N SER A 50 -8.19 -28.57 -17.11
CA SER A 50 -7.89 -27.79 -18.31
C SER A 50 -9.01 -27.91 -19.33
N GLU A 51 -9.41 -29.16 -19.64
CA GLU A 51 -10.45 -29.45 -20.62
C GLU A 51 -11.87 -29.16 -20.11
N ASP A 52 -11.98 -28.50 -18.96
CA ASP A 52 -13.25 -28.04 -18.41
C ASP A 52 -13.47 -26.55 -18.58
N MET A 53 -12.38 -25.77 -18.57
CA MET A 53 -12.46 -24.33 -18.39
C MET A 53 -13.18 -23.62 -19.52
N LEU A 54 -13.21 -24.21 -20.73
CA LEU A 54 -13.75 -23.48 -21.88
C LEU A 54 -15.26 -23.31 -21.82
N ASN A 55 -15.98 -24.28 -21.25
CA ASN A 55 -17.42 -24.20 -21.10
C ASN A 55 -17.82 -25.10 -19.93
N PRO A 56 -17.53 -24.66 -18.70
CA PRO A 56 -17.77 -25.52 -17.53
C PRO A 56 -19.22 -25.50 -17.09
N ASN A 57 -19.86 -26.66 -17.13
CA ASN A 57 -21.21 -26.81 -16.56
C ASN A 57 -21.02 -27.07 -15.08
N TYR A 58 -20.95 -25.98 -14.32
CA TYR A 58 -20.48 -26.08 -12.93
C TYR A 58 -21.38 -26.97 -12.06
N GLU A 59 -22.71 -26.88 -12.19
CA GLU A 59 -23.56 -27.76 -11.40
C GLU A 59 -23.25 -29.22 -11.68
N ASP A 60 -23.02 -29.54 -12.96
CA ASP A 60 -22.71 -30.92 -13.34
C ASP A 60 -21.33 -31.32 -12.83
N LEU A 61 -20.34 -30.42 -12.90
CA LEU A 61 -19.01 -30.74 -12.40
C LEU A 61 -19.00 -30.88 -10.89
N LEU A 62 -19.81 -30.08 -10.18
CA LEU A 62 -19.78 -30.10 -8.73
C LEU A 62 -20.48 -31.31 -8.14
N ILE A 63 -21.55 -31.79 -8.78
CA ILE A 63 -22.26 -32.92 -8.19
C ILE A 63 -21.40 -34.18 -8.21
N ARG A 64 -20.42 -34.21 -9.10
CA ARG A 64 -19.50 -35.33 -9.22
C ARG A 64 -18.35 -35.27 -8.23
N LYS A 65 -18.27 -34.21 -7.43
CA LYS A 65 -17.21 -34.09 -6.45
C LYS A 65 -17.63 -34.61 -5.08
N SER A 66 -16.65 -35.16 -4.37
CA SER A 66 -16.81 -35.59 -2.99
C SER A 66 -16.06 -34.63 -2.06
N ASN A 67 -16.47 -34.64 -0.79
CA ASN A 67 -15.82 -33.76 0.19
C ASN A 67 -14.32 -33.99 0.23
N HIS A 68 -13.88 -35.24 0.10
CA HIS A 68 -12.45 -35.52 0.19
C HIS A 68 -11.67 -35.12 -1.06
N ASN A 69 -12.34 -34.66 -2.12
CA ASN A 69 -11.61 -34.14 -3.26
C ASN A 69 -11.04 -32.76 -3.00
N PHE A 70 -11.50 -32.10 -1.94
CA PHE A 70 -11.06 -30.74 -1.61
C PHE A 70 -10.03 -30.83 -0.50
N LEU A 71 -8.82 -30.37 -0.77
CA LEU A 71 -7.77 -30.28 0.24
C LEU A 71 -7.68 -28.83 0.69
N VAL A 72 -8.00 -28.58 1.95
CA VAL A 72 -7.91 -27.25 2.55
C VAL A 72 -6.82 -27.27 3.60
N GLN A 73 -5.88 -26.34 3.49
CA GLN A 73 -4.78 -26.22 4.44
C GLN A 73 -4.77 -24.82 5.03
N ALA A 74 -4.74 -24.75 6.35
CA ALA A 74 -4.50 -23.51 7.09
C ALA A 74 -3.10 -23.66 7.69
N GLY A 75 -2.12 -23.05 7.04
CA GLY A 75 -0.74 -23.25 7.46
C GLY A 75 -0.35 -24.71 7.36
N ASN A 76 0.08 -25.28 8.49
CA ASN A 76 0.54 -26.66 8.55
C ASN A 76 -0.60 -27.64 8.79
N VAL A 77 -1.82 -27.17 8.98
CA VAL A 77 -2.95 -27.99 9.40
C VAL A 77 -3.90 -28.16 8.24
N GLN A 78 -4.31 -29.40 7.99
CA GLN A 78 -5.37 -29.68 7.02
C GLN A 78 -6.72 -29.55 7.73
N LEU A 79 -7.68 -28.95 7.04
CA LEU A 79 -9.05 -28.84 7.55
C LEU A 79 -9.91 -29.86 6.82
N ARG A 80 -10.71 -30.61 7.58
CA ARG A 80 -11.55 -31.65 6.98
C ARG A 80 -12.82 -31.01 6.44
N VAL A 81 -13.05 -31.18 5.15
CA VAL A 81 -14.27 -30.72 4.49
C VAL A 81 -15.38 -31.73 4.77
N ILE A 82 -16.48 -31.26 5.39
CA ILE A 82 -17.60 -32.13 5.74
C ILE A 82 -18.85 -31.83 4.91
N GLY A 83 -18.78 -30.88 3.99
CA GLY A 83 -19.90 -30.63 3.12
C GLY A 83 -19.54 -29.46 2.23
N HIS A 84 -20.30 -29.31 1.16
CA HIS A 84 -20.05 -28.21 0.24
C HIS A 84 -21.34 -27.79 -0.43
N SER A 85 -21.39 -26.53 -0.83
CA SER A 85 -22.47 -25.98 -1.64
C SER A 85 -21.89 -24.88 -2.51
N MET A 86 -22.64 -24.53 -3.55
CA MET A 86 -22.25 -23.48 -4.49
C MET A 86 -23.26 -22.35 -4.44
N GLN A 87 -22.77 -21.11 -4.36
CA GLN A 87 -23.62 -19.94 -4.47
C GLN A 87 -23.05 -19.10 -5.60
N ASN A 88 -23.78 -19.04 -6.72
CA ASN A 88 -23.28 -18.36 -7.92
C ASN A 88 -21.85 -18.83 -8.22
N CYS A 89 -20.86 -17.92 -8.30
CA CYS A 89 -19.51 -18.35 -8.69
C CYS A 89 -18.60 -18.68 -7.51
N VAL A 90 -19.13 -18.77 -6.28
CA VAL A 90 -18.35 -19.06 -5.09
CA VAL A 90 -18.32 -19.08 -5.12
C VAL A 90 -18.76 -20.42 -4.55
N LEU A 91 -17.77 -21.19 -4.15
CA LEU A 91 -17.95 -22.48 -3.50
C LEU A 91 -17.83 -22.26 -2.01
N LYS A 92 -18.71 -22.91 -1.24
CA LYS A 92 -18.71 -22.81 0.21
C LYS A 92 -18.41 -24.19 0.77
N LEU A 93 -17.22 -24.37 1.32
CA LEU A 93 -16.78 -25.64 1.90
C LEU A 93 -17.01 -25.59 3.41
N LYS A 94 -17.91 -26.42 3.91
CA LYS A 94 -18.07 -26.56 5.35
C LYS A 94 -16.94 -27.41 5.88
N VAL A 95 -16.32 -26.95 6.97
CA VAL A 95 -15.22 -27.68 7.61
C VAL A 95 -15.62 -27.98 9.03
N ASP A 96 -14.92 -28.95 9.63
CA ASP A 96 -15.25 -29.40 10.98
C ASP A 96 -14.65 -28.53 12.07
N THR A 97 -13.94 -27.46 11.72
CA THR A 97 -13.29 -26.60 12.69
C THR A 97 -13.72 -25.16 12.46
N ALA A 98 -14.00 -24.45 13.54
CA ALA A 98 -14.29 -23.03 13.46
C ALA A 98 -12.98 -22.25 13.53
N ASN A 99 -12.90 -21.19 12.74
CA ASN A 99 -11.74 -20.31 12.79
C ASN A 99 -11.84 -19.40 14.00
N PRO A 100 -10.98 -19.56 15.01
CA PRO A 100 -11.05 -18.67 16.18
C PRO A 100 -10.67 -17.25 15.85
N LYS A 101 -10.02 -16.99 14.72
CA LYS A 101 -9.63 -15.66 14.34
C LYS A 101 -10.67 -14.96 13.48
N THR A 102 -11.84 -15.55 13.30
CA THR A 102 -12.92 -14.92 12.54
C THR A 102 -13.23 -13.54 13.12
N PRO A 103 -13.09 -12.48 12.34
CA PRO A 103 -13.48 -11.15 12.81
C PRO A 103 -14.98 -10.96 12.73
N LYS A 104 -15.46 -9.90 13.38
CA LYS A 104 -16.78 -9.40 13.05
C LYS A 104 -16.78 -9.00 11.58
N TYR A 105 -17.78 -9.44 10.83
CA TYR A 105 -17.73 -9.20 9.39
C TYR A 105 -19.12 -9.12 8.78
N LYS A 106 -19.15 -8.56 7.58
CA LYS A 106 -20.34 -8.61 6.74
C LYS A 106 -19.89 -8.72 5.29
N PHE A 107 -20.83 -9.14 4.45
CA PHE A 107 -20.63 -9.22 3.01
C PHE A 107 -21.39 -8.07 2.38
N VAL A 108 -20.70 -7.23 1.60
CA VAL A 108 -21.36 -6.13 0.93
C VAL A 108 -21.00 -6.15 -0.54
N ARG A 109 -21.88 -5.59 -1.36
CA ARG A 109 -21.62 -5.38 -2.77
C ARG A 109 -21.33 -3.89 -2.94
N ILE A 110 -20.17 -3.56 -3.49
CA ILE A 110 -19.78 -2.16 -3.55
C ILE A 110 -20.23 -1.56 -4.88
N GLN A 111 -20.33 -0.27 -4.90
CA GLN A 111 -20.72 0.53 -6.05
C GLN A 111 -19.49 0.94 -6.87
N PRO A 112 -19.62 1.08 -8.17
CA PRO A 112 -18.49 1.60 -8.94
C PRO A 112 -18.08 2.97 -8.41
N GLY A 113 -16.77 3.20 -8.37
CA GLY A 113 -16.23 4.41 -7.81
C GLY A 113 -15.83 4.30 -6.35
N GLN A 114 -16.35 3.32 -5.62
CA GLN A 114 -15.94 3.06 -4.26
C GLN A 114 -14.60 2.33 -4.23
N THR A 115 -13.89 2.49 -3.13
CA THR A 115 -12.57 1.90 -2.99
C THR A 115 -12.57 0.80 -1.93
N PHE A 116 -11.54 -0.04 -2.00
CA PHE A 116 -11.39 -1.11 -1.04
C PHE A 116 -9.93 -1.54 -1.06
N SER A 117 -9.52 -2.21 0.01
CA SER A 117 -8.19 -2.80 0.11
C SER A 117 -8.19 -4.24 -0.38
N VAL A 118 -7.14 -4.61 -1.10
CA VAL A 118 -6.95 -5.97 -1.59
C VAL A 118 -5.82 -6.60 -0.78
N LEU A 119 -6.07 -7.78 -0.23
CA LEU A 119 -5.02 -8.62 0.35
C LEU A 119 -4.68 -9.71 -0.66
N ALA A 120 -3.60 -9.49 -1.39
CA ALA A 120 -3.17 -10.43 -2.41
C ALA A 120 -2.46 -11.60 -1.74
N CYS A 121 -2.90 -12.81 -2.07
CA CYS A 121 -2.44 -14.05 -1.45
C CYS A 121 -2.06 -15.06 -2.53
N TYR A 122 -1.13 -15.95 -2.19
CA TYR A 122 -0.69 -17.06 -3.04
C TYR A 122 -0.50 -18.29 -2.16
N ASN A 123 -1.12 -19.41 -2.55
CA ASN A 123 -1.06 -20.64 -1.74
C ASN A 123 -1.50 -20.37 -0.30
N GLY A 124 -2.56 -19.58 -0.16
CA GLY A 124 -3.11 -19.28 1.15
C GLY A 124 -2.25 -18.39 2.03
N SER A 125 -1.14 -17.86 1.49
CA SER A 125 -0.24 -17.02 2.26
CA SER A 125 -0.23 -17.01 2.25
C SER A 125 -0.37 -15.56 1.80
N PRO A 126 -0.71 -14.63 2.69
CA PRO A 126 -0.77 -13.22 2.30
C PRO A 126 0.59 -12.69 1.86
N SER A 127 0.59 -11.93 0.75
CA SER A 127 1.82 -11.40 0.16
C SER A 127 1.85 -9.88 0.03
N GLY A 128 0.72 -9.21 -0.18
CA GLY A 128 0.75 -7.76 -0.27
C GLY A 128 -0.63 -7.17 -0.09
N VAL A 129 -0.66 -5.87 0.24
CA VAL A 129 -1.92 -5.20 0.47
C VAL A 129 -1.90 -3.85 -0.23
N TYR A 130 -3.00 -3.52 -0.90
CA TYR A 130 -3.04 -2.29 -1.66
C TYR A 130 -4.49 -1.90 -1.90
N GLN A 131 -4.65 -0.64 -2.27
CA GLN A 131 -5.95 0.00 -2.43
C GLN A 131 -6.32 0.02 -3.91
N CYS A 132 -7.57 -0.34 -4.20
CA CYS A 132 -8.14 -0.44 -5.54
C CYS A 132 -9.46 0.33 -5.54
N ALA A 133 -9.94 0.68 -6.72
CA ALA A 133 -11.31 1.15 -6.86
C ALA A 133 -12.08 0.20 -7.77
N MET A 134 -13.36 0.05 -7.50
CA MET A 134 -14.25 -0.59 -8.49
C MET A 134 -14.44 0.37 -9.66
N ARG A 135 -13.93 0.01 -10.83
CA ARG A 135 -14.02 0.89 -11.99
C ARG A 135 -15.49 1.05 -12.45
N PRO A 136 -15.81 2.16 -13.10
CA PRO A 136 -17.16 2.30 -13.67
C PRO A 136 -17.53 1.17 -14.61
N ASN A 137 -16.57 0.56 -15.30
CA ASN A 137 -16.82 -0.60 -16.14
C ASN A 137 -16.68 -1.91 -15.39
N PHE A 138 -16.58 -1.85 -14.05
CA PHE A 138 -16.63 -3.00 -13.15
C PHE A 138 -15.40 -3.89 -13.25
N THR A 139 -14.32 -3.38 -13.81
CA THR A 139 -13.01 -4.01 -13.61
C THR A 139 -12.33 -3.37 -12.41
N ILE A 140 -11.20 -3.96 -12.02
CA ILE A 140 -10.30 -3.33 -11.05
C ILE A 140 -8.89 -3.42 -11.61
N LYS A 141 -8.14 -2.34 -11.43
CA LYS A 141 -6.75 -2.33 -11.85
C LYS A 141 -5.95 -2.90 -10.70
N GLY A 142 -5.88 -4.22 -10.65
CA GLY A 142 -5.18 -4.91 -9.59
C GLY A 142 -3.77 -5.34 -9.97
N SER A 143 -3.12 -5.95 -9.02
CA SER A 143 -1.83 -6.63 -9.20
C SER A 143 -2.11 -8.04 -8.71
N PHE A 144 -2.40 -8.91 -9.67
CA PHE A 144 -2.75 -10.30 -9.41
C PHE A 144 -2.01 -11.18 -10.41
N LEU A 145 -1.33 -12.20 -9.90
CA LEU A 145 -0.61 -13.18 -10.71
C LEU A 145 -1.28 -14.56 -10.63
N ASN A 146 -0.68 -15.54 -11.30
CA ASN A 146 -1.16 -16.90 -11.17
C ASN A 146 -1.24 -17.31 -9.70
N GLY A 147 -2.35 -17.96 -9.35
CA GLY A 147 -2.55 -18.43 -7.99
C GLY A 147 -3.16 -17.42 -7.04
N SER A 148 -3.46 -16.21 -7.50
CA SER A 148 -4.04 -15.18 -6.64
C SER A 148 -5.55 -15.35 -6.45
N CYS A 149 -6.20 -16.21 -7.20
CA CYS A 149 -7.65 -16.30 -7.08
C CYS A 149 -8.07 -16.65 -5.65
N GLY A 150 -9.18 -16.07 -5.23
CA GLY A 150 -9.63 -16.20 -3.87
C GLY A 150 -9.09 -15.15 -2.94
N SER A 151 -8.10 -14.38 -3.38
CA SER A 151 -7.77 -13.14 -2.67
C SER A 151 -9.00 -12.26 -2.60
N VAL A 152 -9.12 -11.49 -1.50
CA VAL A 152 -10.34 -10.76 -1.26
C VAL A 152 -10.05 -9.28 -1.11
N GLY A 153 -11.09 -8.48 -1.34
CA GLY A 153 -11.07 -7.05 -1.10
C GLY A 153 -12.03 -6.70 0.01
N PHE A 154 -11.71 -5.62 0.76
CA PHE A 154 -12.48 -5.33 1.95
C PHE A 154 -12.29 -3.88 2.40
N ASN A 155 -13.23 -3.43 3.23
CA ASN A 155 -13.11 -2.19 3.98
C ASN A 155 -13.28 -2.53 5.46
N ILE A 156 -12.81 -1.66 6.34
CA ILE A 156 -12.99 -1.88 7.77
C ILE A 156 -13.65 -0.65 8.36
N ASP A 157 -14.74 -0.87 9.10
CA ASP A 157 -15.46 0.16 9.84
C ASP A 157 -15.50 -0.30 11.29
N TYR A 158 -14.84 0.43 12.17
CA TYR A 158 -14.72 0.07 13.59
C TYR A 158 -13.98 -1.26 13.64
N ASP A 159 -14.54 -2.32 14.21
CA ASP A 159 -13.88 -3.62 14.20
C ASP A 159 -14.51 -4.57 13.19
N CYS A 160 -15.39 -4.08 12.31
CA CYS A 160 -16.13 -4.91 11.37
C CYS A 160 -15.46 -4.88 10.00
N VAL A 161 -15.13 -6.05 9.48
CA VAL A 161 -14.58 -6.19 8.13
C VAL A 161 -15.75 -6.41 7.17
N SER A 162 -15.88 -5.51 6.20
CA SER A 162 -16.88 -5.63 5.14
C SER A 162 -16.17 -6.16 3.90
N PHE A 163 -16.40 -7.44 3.60
CA PHE A 163 -15.83 -8.08 2.42
C PHE A 163 -16.68 -7.73 1.22
N CYS A 164 -16.04 -7.24 0.16
CA CYS A 164 -16.75 -6.82 -1.03
C CYS A 164 -16.25 -7.44 -2.34
N TYR A 165 -15.12 -8.14 -2.34
CA TYR A 165 -14.53 -8.61 -3.60
C TYR A 165 -13.80 -9.92 -3.38
N MET A 166 -13.97 -10.86 -4.30
CA MET A 166 -13.12 -12.05 -4.37
C MET A 166 -12.60 -12.19 -5.79
N HIS A 167 -11.32 -12.52 -5.92
CA HIS A 167 -10.66 -12.45 -7.20
C HIS A 167 -10.82 -13.73 -8.02
N HIS A 168 -11.18 -13.57 -9.32
CA HIS A 168 -11.33 -14.70 -10.23
C HIS A 168 -10.51 -14.67 -11.54
N MET A 169 -10.20 -13.51 -12.12
CA MET A 169 -9.63 -13.57 -13.46
C MET A 169 -8.94 -12.27 -13.87
N GLU A 170 -8.13 -12.38 -14.92
CA GLU A 170 -7.45 -11.26 -15.55
C GLU A 170 -7.95 -11.14 -16.98
N LEU A 171 -8.01 -9.95 -17.47
CA LEU A 171 -8.40 -9.69 -18.85
C LEU A 171 -7.16 -9.41 -19.69
N PRO A 172 -7.27 -9.59 -21.01
CA PRO A 172 -6.11 -9.37 -21.87
C PRO A 172 -5.47 -7.99 -21.72
N THR A 173 -6.26 -6.96 -21.38
CA THR A 173 -5.72 -5.62 -21.18
C THR A 173 -4.92 -5.47 -19.91
N GLY A 174 -4.90 -6.49 -19.04
CA GLY A 174 -4.16 -6.45 -17.80
C GLY A 174 -4.94 -6.04 -16.58
N VAL A 175 -6.23 -5.70 -16.72
CA VAL A 175 -7.06 -5.41 -15.56
C VAL A 175 -7.71 -6.72 -15.11
N HIS A 176 -8.53 -6.63 -14.06
CA HIS A 176 -8.96 -7.80 -13.31
C HIS A 176 -10.46 -7.79 -13.09
N ALA A 177 -11.01 -8.99 -12.86
CA ALA A 177 -12.43 -9.12 -12.59
C ALA A 177 -12.70 -10.22 -11.55
N GLY A 178 -13.80 -10.04 -10.85
CA GLY A 178 -14.17 -10.95 -9.79
C GLY A 178 -15.57 -10.67 -9.31
N THR A 179 -15.87 -11.23 -8.14
CA THR A 179 -17.23 -11.26 -7.63
C THR A 179 -17.32 -10.64 -6.25
N ASP A 180 -18.55 -10.45 -5.80
CA ASP A 180 -18.80 -10.19 -4.40
C ASP A 180 -18.77 -11.54 -3.66
N LEU A 181 -19.01 -11.52 -2.36
CA LEU A 181 -18.87 -12.76 -1.62
C LEU A 181 -20.13 -13.61 -1.68
N GLU A 182 -21.16 -13.15 -2.40
CA GLU A 182 -22.26 -13.99 -2.84
C GLU A 182 -21.97 -14.66 -4.16
N GLY A 183 -20.82 -14.39 -4.77
CA GLY A 183 -20.44 -15.05 -6.00
C GLY A 183 -20.97 -14.42 -7.26
N ASN A 184 -21.56 -13.24 -7.19
CA ASN A 184 -22.02 -12.54 -8.38
C ASN A 184 -20.90 -11.67 -8.92
N PHE A 185 -20.58 -11.81 -10.20
CA PHE A 185 -19.55 -10.95 -10.79
C PHE A 185 -19.95 -9.49 -10.72
N TYR A 186 -18.93 -8.65 -10.55
CA TYR A 186 -19.01 -7.27 -10.97
C TYR A 186 -18.75 -7.23 -12.47
N GLY A 187 -19.71 -6.67 -13.22
CA GLY A 187 -19.55 -6.56 -14.65
C GLY A 187 -20.00 -7.76 -15.45
N PRO A 188 -19.83 -7.65 -16.76
CA PRO A 188 -20.36 -8.66 -17.70
C PRO A 188 -19.46 -9.87 -17.92
N PHE A 189 -18.74 -10.27 -16.91
CA PHE A 189 -17.70 -11.28 -17.06
C PHE A 189 -18.22 -12.63 -16.61
N VAL A 190 -17.51 -13.67 -17.02
CA VAL A 190 -17.95 -15.04 -16.79
C VAL A 190 -16.73 -15.88 -16.43
N ASP A 191 -16.89 -16.78 -15.46
CA ASP A 191 -15.76 -17.62 -15.04
C ASP A 191 -15.62 -18.83 -15.96
N ARG A 192 -15.28 -18.53 -17.22
CA ARG A 192 -14.79 -19.49 -18.19
C ARG A 192 -13.48 -19.00 -18.76
N GLN A 193 -12.68 -19.94 -19.28
CA GLN A 193 -11.33 -19.63 -19.73
C GLN A 193 -11.40 -19.08 -21.16
N THR A 194 -11.74 -17.80 -21.24
CA THR A 194 -11.81 -17.06 -22.49
C THR A 194 -11.21 -15.68 -22.30
N ALA A 195 -10.74 -15.11 -23.40
CA ALA A 195 -10.27 -13.72 -23.42
C ALA A 195 -11.49 -12.80 -23.48
N GLN A 196 -11.68 -12.00 -22.45
CA GLN A 196 -12.85 -11.17 -22.29
C GLN A 196 -12.47 -9.70 -22.25
N ALA A 197 -13.25 -8.88 -22.94
CA ALA A 197 -13.11 -7.45 -22.96
C ALA A 197 -14.19 -6.80 -22.10
N ALA A 198 -13.84 -5.66 -21.52
CA ALA A 198 -14.73 -4.87 -20.71
C ALA A 198 -15.38 -3.76 -21.55
N GLY A 199 -16.43 -3.18 -21.00
CA GLY A 199 -16.98 -1.98 -21.58
C GLY A 199 -15.98 -0.83 -21.46
N THR A 200 -16.25 0.25 -22.18
CA THR A 200 -15.38 1.42 -22.15
C THR A 200 -15.29 1.96 -20.73
N ASP A 201 -14.07 2.12 -20.25
CA ASP A 201 -13.96 2.68 -18.93
C ASP A 201 -14.08 4.20 -18.99
N THR A 202 -14.43 4.75 -17.86
CA THR A 202 -14.57 6.18 -17.66
C THR A 202 -13.86 6.55 -16.37
N THR A 203 -13.60 7.83 -16.20
CA THR A 203 -12.91 8.32 -15.03
C THR A 203 -13.90 8.71 -13.94
N ILE A 204 -13.55 8.42 -12.69
CA ILE A 204 -14.45 8.62 -11.55
C ILE A 204 -14.31 10.08 -11.10
N THR A 205 -15.22 10.91 -11.60
CA THR A 205 -15.06 12.36 -11.48
C THR A 205 -15.10 12.83 -10.03
N VAL A 206 -16.04 12.32 -9.24
CA VAL A 206 -16.10 12.75 -7.85
C VAL A 206 -14.78 12.47 -7.16
N ASN A 207 -14.10 11.38 -7.54
CA ASN A 207 -12.83 11.02 -6.90
C ASN A 207 -11.70 11.94 -7.36
N VAL A 208 -11.70 12.33 -8.65
CA VAL A 208 -10.70 13.31 -9.11
C VAL A 208 -10.86 14.60 -8.32
N LEU A 209 -12.10 15.07 -8.18
CA LEU A 209 -12.32 16.30 -7.41
C LEU A 209 -11.83 16.14 -5.97
N ALA A 210 -12.11 14.99 -5.33
CA ALA A 210 -11.64 14.81 -3.95
C ALA A 210 -10.12 14.91 -3.89
N TRP A 211 -9.44 14.36 -4.87
CA TRP A 211 -7.98 14.34 -4.89
C TRP A 211 -7.42 15.73 -5.12
N LEU A 212 -8.06 16.53 -5.99
CA LEU A 212 -7.63 17.91 -6.15
C LEU A 212 -7.76 18.67 -4.84
N TYR A 213 -8.86 18.47 -4.11
CA TYR A 213 -8.99 19.06 -2.79
C TYR A 213 -7.85 18.59 -1.87
N ALA A 214 -7.54 17.30 -1.89
CA ALA A 214 -6.42 16.80 -1.11
C ALA A 214 -5.15 17.57 -1.42
N ALA A 215 -4.90 17.82 -2.71
CA ALA A 215 -3.68 18.52 -3.10
C ALA A 215 -3.65 19.92 -2.52
N VAL A 216 -4.80 20.62 -2.54
CA VAL A 216 -4.89 21.93 -1.90
C VAL A 216 -4.59 21.81 -0.41
N ILE A 217 -5.29 20.90 0.28
CA ILE A 217 -5.05 20.70 1.71
C ILE A 217 -3.56 20.58 1.99
N ASN A 218 -2.83 19.94 1.08
CA ASN A 218 -1.37 19.80 1.18
C ASN A 218 -0.62 20.96 0.54
N GLY A 219 -1.25 22.14 0.48
CA GLY A 219 -0.54 23.34 0.08
C GLY A 219 -0.17 23.42 -1.39
N ASP A 220 -0.92 22.76 -2.26
CA ASP A 220 -0.64 22.75 -3.69
C ASP A 220 -1.89 23.23 -4.40
N ARG A 221 -1.81 24.40 -5.06
CA ARG A 221 -3.02 24.92 -5.69
C ARG A 221 -2.76 25.62 -7.02
N TRP A 222 -1.75 25.20 -7.76
CA TRP A 222 -1.44 25.83 -9.04
C TRP A 222 -2.57 25.68 -10.06
N PHE A 223 -3.37 24.61 -9.95
CA PHE A 223 -4.41 24.29 -10.92
C PHE A 223 -5.70 25.09 -10.70
N LEU A 224 -5.86 25.78 -9.56
CA LEU A 224 -7.04 26.59 -9.33
C LEU A 224 -7.12 27.74 -10.33
N ASN A 225 -8.33 28.27 -10.51
CA ASN A 225 -8.52 29.42 -11.39
C ASN A 225 -9.67 30.25 -10.86
N ARG A 226 -9.89 31.41 -11.49
CA ARG A 226 -10.82 32.40 -10.98
C ARG A 226 -12.26 32.14 -11.39
N PHE A 227 -12.50 31.09 -12.16
CA PHE A 227 -13.78 30.89 -12.83
C PHE A 227 -14.64 29.87 -12.10
N THR A 228 -15.89 29.79 -12.55
CA THR A 228 -16.84 28.82 -12.05
C THR A 228 -17.56 28.19 -13.25
N THR A 229 -18.42 27.24 -12.95
CA THR A 229 -19.20 26.57 -13.98
C THR A 229 -20.50 26.12 -13.34
N THR A 230 -21.52 25.95 -14.18
CA THR A 230 -22.69 25.25 -13.70
C THR A 230 -22.44 23.75 -13.67
N LEU A 231 -23.26 23.06 -12.89
CA LEU A 231 -23.15 21.60 -12.82
C LEU A 231 -23.35 20.98 -14.19
N ASN A 232 -24.37 21.42 -14.92
CA ASN A 232 -24.67 20.78 -16.20
C ASN A 232 -23.60 21.06 -17.23
N ASP A 233 -23.10 22.30 -17.29
CA ASP A 233 -22.04 22.61 -18.25
C ASP A 233 -20.79 21.82 -17.94
N PHE A 234 -20.48 21.65 -16.65
CA PHE A 234 -19.37 20.79 -16.30
C PHE A 234 -19.60 19.38 -16.80
N ASN A 235 -20.81 18.84 -16.56
CA ASN A 235 -21.08 17.47 -16.93
C ASN A 235 -21.03 17.27 -18.45
N LEU A 236 -21.41 18.30 -19.21
CA LEU A 236 -21.29 18.17 -20.67
C LEU A 236 -19.84 17.95 -21.06
N VAL A 237 -18.94 18.73 -20.48
CA VAL A 237 -17.53 18.62 -20.81
C VAL A 237 -16.96 17.34 -20.24
N ALA A 238 -17.34 17.00 -19.01
CA ALA A 238 -16.89 15.76 -18.41
C ALA A 238 -17.23 14.56 -19.30
N MET A 239 -18.48 14.48 -19.75
CA MET A 239 -18.88 13.34 -20.56
C MET A 239 -18.11 13.31 -21.87
N LYS A 240 -17.77 14.48 -22.40
CA LYS A 240 -17.01 14.53 -23.65
C LYS A 240 -15.64 13.86 -23.46
N TYR A 241 -15.05 14.00 -22.28
CA TYR A 241 -13.72 13.46 -22.00
C TYR A 241 -13.80 12.10 -21.31
N ASN A 242 -14.94 11.42 -21.43
CA ASN A 242 -15.19 10.12 -20.82
C ASN A 242 -14.95 10.16 -19.31
N TYR A 243 -15.41 11.22 -18.67
CA TYR A 243 -15.57 11.29 -17.23
C TYR A 243 -17.02 11.04 -16.84
N GLU A 244 -17.21 10.39 -15.69
CA GLU A 244 -18.56 10.15 -15.19
C GLU A 244 -19.24 11.48 -14.87
N PRO A 245 -20.56 11.57 -15.02
CA PRO A 245 -21.24 12.78 -14.59
C PRO A 245 -21.17 12.93 -13.08
N LEU A 246 -21.20 14.18 -12.65
CA LEU A 246 -21.23 14.54 -11.23
C LEU A 246 -22.69 14.75 -10.86
N THR A 247 -23.15 14.04 -9.84
CA THR A 247 -24.50 14.21 -9.34
C THR A 247 -24.52 15.22 -8.19
N GLN A 248 -25.72 15.70 -7.87
CA GLN A 248 -25.87 16.56 -6.70
C GLN A 248 -25.46 15.84 -5.42
N ASP A 249 -25.72 14.54 -5.32
CA ASP A 249 -25.23 13.81 -4.15
C ASP A 249 -23.71 13.87 -4.08
N HIS A 250 -23.03 13.78 -5.23
CA HIS A 250 -21.58 13.93 -5.22
C HIS A 250 -21.18 15.30 -4.72
N VAL A 251 -21.90 16.34 -5.14
CA VAL A 251 -21.59 17.69 -4.68
C VAL A 251 -21.75 17.78 -3.18
N ASP A 252 -22.84 17.21 -2.65
CA ASP A 252 -23.08 17.18 -1.22
C ASP A 252 -21.96 16.44 -0.49
N ILE A 253 -21.57 15.29 -1.03
CA ILE A 253 -20.51 14.48 -0.43
C ILE A 253 -19.21 15.26 -0.34
N LEU A 254 -18.96 16.14 -1.32
CA LEU A 254 -17.75 16.95 -1.30
C LEU A 254 -17.85 18.16 -0.38
N GLY A 255 -19.00 18.37 0.28
CA GLY A 255 -19.19 19.52 1.14
C GLY A 255 -18.07 19.75 2.13
N PRO A 256 -17.77 18.72 2.94
CA PRO A 256 -16.73 18.89 3.97
C PRO A 256 -15.38 19.33 3.41
N LEU A 257 -14.97 18.78 2.27
CA LEU A 257 -13.70 19.23 1.69
C LEU A 257 -13.83 20.65 1.18
N SER A 258 -15.00 21.02 0.64
CA SER A 258 -15.18 22.38 0.17
C SER A 258 -15.09 23.35 1.36
N ALA A 259 -15.76 23.02 2.45
CA ALA A 259 -15.72 23.88 3.64
C ALA A 259 -14.30 24.04 4.16
N GLN A 260 -13.61 22.91 4.38
CA GLN A 260 -12.25 22.93 4.90
C GLN A 260 -11.33 23.84 4.09
N THR A 261 -11.52 23.92 2.77
CA THR A 261 -10.60 24.63 1.89
C THR A 261 -11.12 25.98 1.43
N GLY A 262 -12.39 26.28 1.66
CA GLY A 262 -12.98 27.51 1.15
C GLY A 262 -13.10 27.54 -0.36
N ILE A 263 -13.21 26.39 -1.00
CA ILE A 263 -13.25 26.31 -2.45
C ILE A 263 -14.56 25.63 -2.81
N ALA A 264 -15.47 26.38 -3.43
CA ALA A 264 -16.76 25.83 -3.77
C ALA A 264 -16.59 24.66 -4.73
N VAL A 265 -17.46 23.67 -4.57
CA VAL A 265 -17.37 22.48 -5.40
C VAL A 265 -17.35 22.85 -6.87
N LEU A 266 -18.28 23.71 -7.29
CA LEU A 266 -18.33 24.06 -8.72
C LEU A 266 -17.13 24.90 -9.14
N ASP A 267 -16.48 25.59 -8.20
CA ASP A 267 -15.20 26.21 -8.54
C ASP A 267 -14.13 25.16 -8.81
N MET A 268 -14.06 24.11 -7.98
CA MET A 268 -13.11 23.04 -8.26
C MET A 268 -13.46 22.36 -9.58
N CYS A 269 -14.75 22.29 -9.91
CA CYS A 269 -15.16 21.73 -11.21
C CYS A 269 -14.62 22.56 -12.35
N ALA A 270 -14.61 23.89 -12.18
CA ALA A 270 -14.03 24.75 -13.21
C ALA A 270 -12.53 24.57 -13.29
N SER A 271 -11.88 24.26 -12.16
CA SER A 271 -10.46 23.91 -12.20
C SER A 271 -10.23 22.62 -12.97
N LEU A 272 -11.02 21.59 -12.67
CA LEU A 272 -10.88 20.33 -13.39
C LEU A 272 -11.20 20.50 -14.87
N LYS A 273 -12.23 21.28 -15.19
CA LYS A 273 -12.52 21.53 -16.59
C LYS A 273 -11.29 22.11 -17.30
N GLU A 274 -10.61 23.08 -16.68
CA GLU A 274 -9.43 23.66 -17.30
C GLU A 274 -8.35 22.61 -17.51
N LEU A 275 -8.14 21.74 -16.52
CA LEU A 275 -7.13 20.70 -16.66
C LEU A 275 -7.46 19.74 -17.80
N LEU A 276 -8.76 19.41 -17.95
CA LEU A 276 -9.11 18.50 -19.03
C LEU A 276 -8.88 19.13 -20.39
N GLN A 277 -9.12 20.44 -20.51
CA GLN A 277 -8.98 21.11 -21.80
C GLN A 277 -7.56 21.59 -22.06
N ASN A 278 -6.82 21.95 -21.03
CA ASN A 278 -5.48 22.51 -21.19
C ASN A 278 -4.37 21.55 -20.84
N GLY A 279 -4.70 20.36 -20.34
CA GLY A 279 -3.70 19.44 -19.85
C GLY A 279 -2.95 19.99 -18.66
N MET A 280 -1.96 19.24 -18.19
CA MET A 280 -1.14 19.67 -17.07
C MET A 280 0.17 20.30 -17.51
N ASN A 281 0.57 20.09 -18.76
CA ASN A 281 1.69 20.80 -19.38
C ASN A 281 2.94 20.69 -18.51
N GLY A 282 3.39 19.46 -18.32
CA GLY A 282 4.59 19.20 -17.54
C GLY A 282 4.36 19.14 -16.05
N ARG A 283 3.60 20.09 -15.51
CA ARG A 283 3.33 20.15 -14.08
C ARG A 283 2.77 18.82 -13.57
N THR A 284 2.81 18.63 -12.26
CA THR A 284 2.28 17.43 -11.61
C THR A 284 1.48 17.84 -10.40
N ILE A 285 0.58 16.95 -9.97
CA ILE A 285 -0.23 17.17 -8.77
C ILE A 285 0.03 16.01 -7.82
N LEU A 286 0.43 16.33 -6.60
CA LEU A 286 0.77 15.33 -5.59
C LEU A 286 1.70 14.26 -6.15
N GLY A 287 2.70 14.71 -6.90
CA GLY A 287 3.66 13.83 -7.52
C GLY A 287 3.22 13.21 -8.83
N SER A 288 1.94 13.27 -9.17
CA SER A 288 1.40 12.56 -10.32
C SER A 288 1.27 13.47 -11.53
N ALA A 289 1.66 12.95 -12.70
CA ALA A 289 1.41 13.59 -13.98
C ALA A 289 0.04 13.27 -14.56
N LEU A 290 -0.76 12.42 -13.90
CA LEU A 290 -2.09 12.08 -14.36
C LEU A 290 -3.10 12.40 -13.27
N LEU A 291 -4.34 12.61 -13.68
CA LEU A 291 -5.42 12.89 -12.72
C LEU A 291 -5.83 11.58 -12.05
N GLU A 292 -5.65 11.52 -10.74
CA GLU A 292 -5.89 10.31 -9.96
C GLU A 292 -7.35 10.20 -9.56
N ASP A 293 -7.96 9.03 -9.81
CA ASP A 293 -9.39 8.90 -9.53
C ASP A 293 -9.72 7.71 -8.62
N GLU A 294 -8.76 7.22 -7.83
CA GLU A 294 -9.07 6.12 -6.92
C GLU A 294 -8.91 6.52 -5.44
N PHE A 295 -9.13 7.80 -5.12
CA PHE A 295 -9.44 8.25 -3.77
C PHE A 295 -10.87 8.77 -3.72
N THR A 296 -11.65 8.24 -2.80
CA THR A 296 -12.99 8.76 -2.57
C THR A 296 -12.93 9.97 -1.64
N PRO A 297 -14.00 10.76 -1.59
CA PRO A 297 -14.04 11.84 -0.59
C PRO A 297 -13.78 11.36 0.82
N PHE A 298 -14.39 10.23 1.21
CA PHE A 298 -14.14 9.67 2.54
C PHE A 298 -12.67 9.32 2.72
N ASP A 299 -12.05 8.71 1.71
CA ASP A 299 -10.64 8.37 1.78
C ASP A 299 -9.78 9.59 2.08
N VAL A 300 -10.02 10.69 1.36
CA VAL A 300 -9.23 11.90 1.57
C VAL A 300 -9.43 12.41 2.99
N VAL A 301 -10.66 12.35 3.49
CA VAL A 301 -10.95 12.89 4.81
C VAL A 301 -10.36 11.99 5.90
N ARG A 302 -10.54 10.67 5.76
CA ARG A 302 -10.00 9.74 6.75
C ARG A 302 -8.50 9.92 6.93
N GLN A 303 -7.80 10.46 5.93
CA GLN A 303 -6.36 10.61 5.95
C GLN A 303 -5.92 12.05 6.22
N CYS A 304 -6.86 12.99 6.30
CA CYS A 304 -6.61 14.31 6.87
C CYS A 304 -7.17 14.42 8.28
N SER A 305 -7.49 13.28 8.92
CA SER A 305 -7.98 13.24 10.28
C SER A 305 -7.24 12.18 11.11
N SER B 5 2.75 1.77 -15.71
CA SER B 5 1.40 1.15 -15.57
C SER B 5 1.55 -0.37 -15.46
N GLY B 6 0.62 -1.00 -14.76
CA GLY B 6 0.78 -2.37 -14.34
C GLY B 6 1.50 -2.51 -13.01
N PHE B 7 2.10 -1.44 -12.51
CA PHE B 7 2.80 -1.43 -11.24
C PHE B 7 2.09 -0.48 -10.28
N ARG B 8 2.04 -0.85 -9.01
CA ARG B 8 1.50 0.00 -7.96
C ARG B 8 2.30 -0.21 -6.69
N LYS B 9 2.29 0.79 -5.83
CA LYS B 9 2.88 0.63 -4.51
C LYS B 9 2.08 -0.40 -3.72
N MET B 10 2.75 -1.47 -3.33
CA MET B 10 2.15 -2.56 -2.58
C MET B 10 2.85 -2.68 -1.23
N ALA B 11 2.08 -2.63 -0.15
CA ALA B 11 2.63 -2.83 1.19
C ALA B 11 2.69 -4.31 1.52
N PHE B 12 3.52 -4.64 2.52
CA PHE B 12 3.42 -5.98 3.09
C PHE B 12 2.18 -6.10 3.97
N PRO B 13 1.63 -7.30 4.09
CA PRO B 13 0.54 -7.50 5.04
C PRO B 13 0.98 -7.08 6.44
N SER B 14 0.11 -6.36 7.12
CA SER B 14 0.49 -5.64 8.33
C SER B 14 0.20 -6.41 9.61
N GLY B 15 -0.42 -7.59 9.51
CA GLY B 15 -0.93 -8.24 10.70
C GLY B 15 0.13 -8.56 11.73
N LYS B 16 1.30 -9.05 11.29
CA LYS B 16 2.35 -9.38 12.26
C LYS B 16 2.82 -8.14 13.02
N VAL B 17 2.74 -6.95 12.41
CA VAL B 17 3.14 -5.73 13.10
C VAL B 17 1.99 -5.17 13.94
N GLU B 18 0.75 -5.32 13.47
CA GLU B 18 -0.41 -4.92 14.25
C GLU B 18 -0.37 -5.58 15.62
N GLY B 19 0.03 -6.86 15.65
CA GLY B 19 0.07 -7.59 16.90
C GLY B 19 1.14 -7.13 17.86
N CYS B 20 1.94 -6.13 17.48
CA CYS B 20 2.99 -5.60 18.33
C CYS B 20 2.76 -4.14 18.72
N MET B 21 1.69 -3.50 18.25
CA MET B 21 1.50 -2.09 18.54
C MET B 21 0.82 -1.89 19.89
N VAL B 22 1.35 -0.95 20.65
CA VAL B 22 0.80 -0.53 21.93
C VAL B 22 0.87 0.98 22.00
N GLN B 23 0.30 1.54 23.06
CA GLN B 23 0.43 2.98 23.32
C GLN B 23 1.25 3.20 24.58
N VAL B 24 2.02 4.30 24.57
CA VAL B 24 2.86 4.69 25.68
C VAL B 24 2.51 6.12 26.04
N THR B 25 2.16 6.34 27.30
CA THR B 25 1.75 7.66 27.75
C THR B 25 2.59 8.09 28.94
N CYS B 26 3.05 9.34 28.87
CA CYS B 26 3.66 10.06 29.98
C CYS B 26 2.82 11.32 30.17
N GLY B 27 2.22 11.46 31.35
CA GLY B 27 1.40 12.63 31.59
C GLY B 27 0.21 12.62 30.66
N THR B 28 0.13 13.61 29.77
CA THR B 28 -0.88 13.62 28.72
C THR B 28 -0.31 13.36 27.34
N THR B 29 0.99 13.08 27.23
CA THR B 29 1.63 12.86 25.94
C THR B 29 1.54 11.38 25.62
N THR B 30 0.81 11.02 24.55
CA THR B 30 0.61 9.64 24.17
C THR B 30 1.23 9.45 22.79
N LEU B 31 1.99 8.38 22.61
CA LEU B 31 2.39 7.97 21.28
C LEU B 31 2.35 6.44 21.24
N ASN B 32 2.86 5.89 20.16
CA ASN B 32 2.84 4.47 19.93
C ASN B 32 4.17 3.83 20.31
N GLY B 33 4.11 2.56 20.68
CA GLY B 33 5.31 1.79 20.93
C GLY B 33 5.18 0.42 20.29
N LEU B 34 6.32 -0.27 20.22
CA LEU B 34 6.44 -1.57 19.58
C LEU B 34 6.83 -2.57 20.66
N TRP B 35 5.97 -3.57 20.85
CA TRP B 35 6.09 -4.54 21.93
C TRP B 35 6.62 -5.85 21.34
N LEU B 36 7.87 -6.18 21.65
CA LEU B 36 8.51 -7.40 21.15
C LEU B 36 9.10 -8.13 22.34
N ASP B 37 8.78 -9.41 22.49
CA ASP B 37 9.15 -10.15 23.71
C ASP B 37 8.71 -9.29 24.90
N ASP B 38 9.56 -9.03 25.89
CA ASP B 38 9.15 -8.25 27.06
C ASP B 38 9.70 -6.83 27.03
N VAL B 39 9.89 -6.25 25.85
CA VAL B 39 10.36 -4.88 25.75
C VAL B 39 9.42 -4.09 24.83
N VAL B 40 9.14 -2.85 25.23
CA VAL B 40 8.40 -1.90 24.41
C VAL B 40 9.37 -0.78 23.99
N TYR B 41 9.44 -0.55 22.68
CA TYR B 41 10.30 0.47 22.09
C TYR B 41 9.45 1.65 21.67
N CYS B 42 9.92 2.88 21.96
CA CYS B 42 9.15 4.04 21.54
C CYS B 42 10.08 5.25 21.48
N PRO B 43 9.62 6.34 20.88
CA PRO B 43 10.46 7.53 20.83
C PRO B 43 10.63 8.14 22.20
N ARG B 44 11.86 8.58 22.49
CA ARG B 44 12.13 9.09 23.82
C ARG B 44 11.41 10.39 24.09
N HIS B 45 10.96 11.13 23.08
CA HIS B 45 10.29 12.38 23.40
C HIS B 45 8.91 12.18 24.02
N VAL B 46 8.49 10.93 24.28
CA VAL B 46 7.29 10.73 25.07
C VAL B 46 7.46 11.38 26.45
N ILE B 47 8.70 11.49 26.93
CA ILE B 47 8.93 12.01 28.29
C ILE B 47 8.91 13.53 28.34
N CYS B 48 8.64 14.19 27.22
CA CYS B 48 8.71 15.64 27.10
C CYS B 48 7.33 16.25 27.28
N THR B 49 7.26 17.30 28.07
CA THR B 49 6.16 18.24 27.93
C THR B 49 6.36 19.03 26.64
N SER B 50 5.30 19.67 26.16
CA SER B 50 5.42 20.48 24.96
C SER B 50 6.44 21.61 25.14
N GLU B 51 6.57 22.12 26.37
CA GLU B 51 7.58 23.16 26.63
C GLU B 51 8.98 22.57 26.68
N ASP B 52 9.12 21.29 27.02
CA ASP B 52 10.42 20.62 26.99
C ASP B 52 10.89 20.37 25.57
N MET B 53 9.96 20.30 24.62
CA MET B 53 10.30 19.86 23.26
C MET B 53 11.15 20.88 22.52
N LEU B 54 11.21 22.13 22.99
CA LEU B 54 12.03 23.14 22.31
C LEU B 54 13.50 22.75 22.31
N ASN B 55 14.05 22.45 23.48
CA ASN B 55 15.46 22.07 23.62
C ASN B 55 15.57 21.09 24.79
N PRO B 56 15.05 19.88 24.63
CA PRO B 56 14.93 18.99 25.78
C PRO B 56 16.30 18.55 26.27
N ASN B 57 16.45 18.44 27.59
CA ASN B 57 17.60 17.75 28.18
C ASN B 57 17.12 16.33 28.50
N TYR B 58 17.24 15.44 27.51
CA TYR B 58 16.67 14.11 27.66
C TYR B 58 17.26 13.36 28.86
N GLU B 59 18.57 13.50 29.08
CA GLU B 59 19.20 12.81 30.19
C GLU B 59 18.64 13.29 31.52
N ASP B 60 18.51 14.61 31.71
CA ASP B 60 17.93 15.10 32.95
C ASP B 60 16.46 14.71 33.07
N LEU B 61 15.73 14.75 31.96
CA LEU B 61 14.33 14.35 32.00
C LEU B 61 14.17 12.89 32.38
N LEU B 62 15.10 12.04 31.97
CA LEU B 62 14.96 10.61 32.21
C LEU B 62 15.30 10.24 33.64
N ILE B 63 16.21 10.98 34.28
CA ILE B 63 16.56 10.66 35.67
C ILE B 63 15.44 11.04 36.61
N ARG B 64 14.61 12.03 36.24
CA ARG B 64 13.45 12.31 37.06
C ARG B 64 12.35 11.26 36.91
N LYS B 65 12.43 10.41 35.91
CA LYS B 65 11.39 9.43 35.64
C LYS B 65 11.60 8.16 36.44
N SER B 66 10.48 7.48 36.73
CA SER B 66 10.50 6.17 37.36
C SER B 66 9.63 5.23 36.53
N ASN B 67 9.79 3.93 36.77
CA ASN B 67 8.98 2.94 36.05
C ASN B 67 7.49 3.28 36.15
N HIS B 68 7.04 3.68 37.35
CA HIS B 68 5.62 3.90 37.56
C HIS B 68 5.11 5.18 36.91
N ASN B 69 5.96 5.96 36.23
CA ASN B 69 5.48 7.11 35.48
C ASN B 69 5.03 6.75 34.05
N PHE B 70 5.30 5.53 33.59
CA PHE B 70 5.02 5.15 32.21
C PHE B 70 3.76 4.30 32.17
N LEU B 71 2.78 4.74 31.38
CA LEU B 71 1.55 4.00 31.18
C LEU B 71 1.65 3.35 29.80
N VAL B 72 1.80 2.03 29.80
CA VAL B 72 1.88 1.26 28.56
C VAL B 72 0.59 0.45 28.47
N GLN B 73 -0.11 0.55 27.35
CA GLN B 73 -1.38 -0.14 27.20
C GLN B 73 -1.45 -0.85 25.85
N ALA B 74 -1.94 -2.09 25.88
CA ALA B 74 -2.37 -2.79 24.67
C ALA B 74 -3.88 -2.71 24.65
N GLY B 75 -4.42 -1.89 23.77
CA GLY B 75 -5.81 -1.51 23.94
C GLY B 75 -5.99 -0.81 25.26
N ASN B 76 -6.98 -1.26 26.05
CA ASN B 76 -7.22 -0.70 27.37
C ASN B 76 -6.54 -1.49 28.48
N VAL B 77 -5.70 -2.46 28.14
CA VAL B 77 -5.08 -3.35 29.11
C VAL B 77 -3.68 -2.81 29.42
N GLN B 78 -3.47 -2.45 30.69
CA GLN B 78 -2.18 -1.92 31.09
C GLN B 78 -1.12 -3.02 31.16
N LEU B 79 0.07 -2.68 30.68
CA LEU B 79 1.27 -3.49 30.74
C LEU B 79 2.20 -2.88 31.78
N ARG B 80 2.48 -3.62 32.85
CA ARG B 80 3.32 -3.05 33.92
C ARG B 80 4.77 -2.90 33.46
N VAL B 81 5.35 -1.72 33.67
CA VAL B 81 6.75 -1.44 33.32
C VAL B 81 7.63 -1.79 34.51
N ILE B 82 8.69 -2.56 34.25
CA ILE B 82 9.60 -3.03 35.29
C ILE B 82 11.04 -2.57 35.07
N GLY B 83 11.30 -1.77 34.04
CA GLY B 83 12.61 -1.18 33.86
C GLY B 83 12.53 -0.22 32.70
N HIS B 84 13.49 0.71 32.66
CA HIS B 84 13.53 1.63 31.54
C HIS B 84 14.97 2.03 31.27
N SER B 85 15.27 2.25 29.98
CA SER B 85 16.55 2.81 29.57
C SER B 85 16.36 3.57 28.27
N MET B 86 17.36 4.37 27.93
CA MET B 86 17.38 5.13 26.69
C MET B 86 18.54 4.61 25.85
N GLN B 87 18.28 4.35 24.57
CA GLN B 87 19.31 3.99 23.59
C GLN B 87 19.16 4.99 22.45
N ASN B 88 20.13 5.90 22.32
CA ASN B 88 20.05 6.94 21.31
C ASN B 88 18.70 7.65 21.50
N CYS B 89 17.85 7.74 20.48
CA CYS B 89 16.60 8.48 20.60
C CYS B 89 15.38 7.58 20.88
N VAL B 90 15.60 6.34 21.29
CA VAL B 90 14.48 5.47 21.62
CA VAL B 90 14.51 5.41 21.60
C VAL B 90 14.57 5.10 23.09
N LEU B 91 13.39 4.91 23.67
CA LEU B 91 13.21 4.45 25.02
C LEU B 91 12.89 2.96 24.92
N LYS B 92 13.53 2.17 25.79
CA LYS B 92 13.26 0.75 25.94
C LYS B 92 12.64 0.55 27.31
N LEU B 93 11.38 0.12 27.32
CA LEU B 93 10.62 -0.09 28.54
C LEU B 93 10.49 -1.59 28.72
N LYS B 94 11.14 -2.12 29.75
CA LYS B 94 10.98 -3.54 30.06
C LYS B 94 9.62 -3.73 30.72
N VAL B 95 8.86 -4.74 30.26
CA VAL B 95 7.51 -4.97 30.79
C VAL B 95 7.44 -6.38 31.37
N ASP B 96 6.39 -6.63 32.15
CA ASP B 96 6.35 -7.89 32.88
C ASP B 96 5.71 -9.02 32.10
N THR B 97 5.36 -8.79 30.83
CA THR B 97 4.68 -9.79 29.99
C THR B 97 5.39 -9.87 28.64
N ALA B 98 5.76 -11.08 28.23
CA ALA B 98 6.29 -11.27 26.89
C ALA B 98 5.12 -11.31 25.91
N ASN B 99 5.23 -10.53 24.84
CA ASN B 99 4.16 -10.43 23.85
C ASN B 99 3.95 -11.77 23.16
N PRO B 100 2.81 -12.43 23.37
CA PRO B 100 2.59 -13.74 22.72
C PRO B 100 2.48 -13.66 21.20
N LYS B 101 2.25 -12.46 20.65
CA LYS B 101 2.17 -12.29 19.20
C LYS B 101 3.49 -11.84 18.58
N THR B 102 4.59 -11.89 19.33
CA THR B 102 5.90 -11.48 18.83
C THR B 102 6.25 -12.32 17.60
N PRO B 103 6.49 -11.72 16.45
CA PRO B 103 6.93 -12.51 15.29
C PRO B 103 8.42 -12.80 15.39
N LYS B 104 8.89 -13.67 14.52
CA LYS B 104 10.31 -13.66 14.21
C LYS B 104 10.68 -12.28 13.65
N TYR B 105 11.73 -11.68 14.18
CA TYR B 105 12.05 -10.31 13.76
C TYR B 105 13.54 -10.03 13.83
N LYS B 106 13.93 -8.97 13.14
CA LYS B 106 15.23 -8.36 13.28
C LYS B 106 15.07 -6.86 13.15
N PHE B 107 16.09 -6.15 13.61
CA PHE B 107 16.21 -4.71 13.46
C PHE B 107 17.26 -4.44 12.38
N VAL B 108 16.87 -3.76 11.32
CA VAL B 108 17.77 -3.46 10.22
C VAL B 108 17.77 -1.96 9.98
N ARG B 109 18.93 -1.46 9.59
CA ARG B 109 19.08 -0.07 9.17
C ARG B 109 19.19 -0.05 7.65
N ILE B 110 18.24 0.62 7.00
CA ILE B 110 18.15 0.57 5.55
C ILE B 110 18.99 1.68 4.94
N GLN B 111 19.24 1.57 3.62
CA GLN B 111 19.92 2.58 2.83
C GLN B 111 18.92 3.42 2.05
N PRO B 112 19.26 4.66 1.73
CA PRO B 112 18.39 5.47 0.86
C PRO B 112 18.08 4.70 -0.42
N GLY B 113 16.86 4.93 -0.93
CA GLY B 113 16.32 4.17 -2.01
C GLY B 113 15.49 2.98 -1.60
N GLN B 114 15.81 2.35 -0.47
CA GLN B 114 15.06 1.17 -0.06
C GLN B 114 13.65 1.57 0.33
N THR B 115 12.71 0.67 0.05
CA THR B 115 11.31 0.90 0.37
C THR B 115 10.93 0.05 1.57
N PHE B 116 9.83 0.44 2.20
CA PHE B 116 9.34 -0.29 3.36
C PHE B 116 7.89 0.09 3.54
N SER B 117 7.16 -0.76 4.25
CA SER B 117 5.78 -0.48 4.58
C SER B 117 5.69 0.24 5.91
N VAL B 118 4.77 1.18 6.00
CA VAL B 118 4.51 1.93 7.22
C VAL B 118 3.11 1.56 7.71
N LEU B 119 3.01 1.21 9.00
CA LEU B 119 1.70 0.96 9.59
C LEU B 119 1.42 2.20 10.43
N ALA B 120 0.65 3.13 9.87
CA ALA B 120 0.36 4.38 10.57
C ALA B 120 -0.58 4.10 11.72
N CYS B 121 -0.21 4.51 12.94
CA CYS B 121 -0.95 4.20 14.14
C CYS B 121 -1.25 5.46 14.94
N TYR B 122 -2.39 5.46 15.63
CA TYR B 122 -2.74 6.52 16.57
C TYR B 122 -3.32 5.86 17.82
N ASN B 123 -2.82 6.26 18.99
CA ASN B 123 -3.28 5.70 20.25
C ASN B 123 -3.16 4.19 20.28
N GLY B 124 -2.09 3.66 19.69
CA GLY B 124 -1.84 2.24 19.67
C GLY B 124 -2.67 1.47 18.68
N SER B 125 -3.54 2.14 17.91
CA SER B 125 -4.48 1.50 16.99
C SER B 125 -4.08 1.79 15.55
N PRO B 126 -3.97 0.76 14.72
CA PRO B 126 -3.60 0.99 13.31
C PRO B 126 -4.71 1.69 12.53
N SER B 127 -4.30 2.67 11.73
CA SER B 127 -5.19 3.37 10.82
C SER B 127 -5.04 2.88 9.37
N GLY B 128 -3.83 2.62 8.91
CA GLY B 128 -3.61 2.31 7.50
C GLY B 128 -2.18 1.88 7.25
N VAL B 129 -1.97 1.23 6.11
CA VAL B 129 -0.64 0.76 5.77
C VAL B 129 -0.31 1.23 4.36
N TYR B 130 0.94 1.64 4.15
CA TYR B 130 1.35 2.13 2.83
C TYR B 130 2.85 1.99 2.67
N GLN B 131 3.27 2.02 1.41
CA GLN B 131 4.67 1.89 1.09
C GLN B 131 5.35 3.25 1.02
N CYS B 132 6.58 3.33 1.57
CA CYS B 132 7.40 4.52 1.59
C CYS B 132 8.78 4.19 1.02
N ALA B 133 9.44 5.18 0.43
CA ALA B 133 10.83 5.03 0.05
C ALA B 133 11.67 5.99 0.88
N MET B 134 12.80 5.51 1.38
CA MET B 134 13.78 6.38 2.02
C MET B 134 14.47 7.23 0.93
N ARG B 135 14.27 8.55 0.98
CA ARG B 135 14.89 9.43 0.00
C ARG B 135 16.39 9.56 0.25
N PRO B 136 17.15 9.98 -0.78
CA PRO B 136 18.59 10.18 -0.58
C PRO B 136 18.94 11.20 0.48
N ASN B 137 18.04 12.13 0.78
CA ASN B 137 18.27 13.09 1.85
C ASN B 137 17.76 12.59 3.20
N PHE B 138 17.41 11.30 3.27
CA PHE B 138 17.07 10.63 4.53
C PHE B 138 15.77 11.14 5.13
N THR B 139 14.84 11.52 4.27
CA THR B 139 13.46 11.79 4.63
C THR B 139 12.54 10.80 3.93
N ILE B 140 11.34 10.66 4.46
CA ILE B 140 10.32 9.89 3.76
C ILE B 140 9.12 10.79 3.55
N LYS B 141 8.38 10.50 2.47
CA LYS B 141 7.10 11.16 2.21
C LYS B 141 6.00 10.29 2.80
N GLY B 142 5.78 10.47 4.10
CA GLY B 142 4.74 9.74 4.80
C GLY B 142 3.45 10.53 4.84
N SER B 143 2.48 9.94 5.53
CA SER B 143 1.20 10.57 5.81
C SER B 143 1.04 10.38 7.31
N PHE B 144 1.62 11.32 8.05
CA PHE B 144 1.68 11.27 9.51
C PHE B 144 1.05 12.53 10.08
N LEU B 145 0.22 12.34 11.10
CA LEU B 145 -0.45 13.41 11.81
C LEU B 145 -0.01 13.39 13.27
N ASN B 146 -0.48 14.36 14.04
CA ASN B 146 -0.23 14.34 15.48
C ASN B 146 -0.62 12.98 16.05
N GLY B 147 0.23 12.47 16.92
CA GLY B 147 0.00 11.21 17.58
C GLY B 147 0.50 10.00 16.82
N SER B 148 1.12 10.19 15.66
CA SER B 148 1.62 9.08 14.86
C SER B 148 3.01 8.61 15.29
N CYS B 149 3.72 9.38 16.11
CA CYS B 149 5.07 8.97 16.47
C CYS B 149 5.08 7.58 17.10
N GLY B 150 6.15 6.85 16.85
CA GLY B 150 6.23 5.47 17.24
C GLY B 150 5.69 4.49 16.22
N SER B 151 4.91 4.94 15.25
CA SER B 151 4.58 4.08 14.11
C SER B 151 5.87 3.59 13.47
N VAL B 152 5.85 2.35 12.95
CA VAL B 152 7.08 1.76 12.45
C VAL B 152 6.96 1.41 10.97
N GLY B 153 8.12 1.35 10.36
CA GLY B 153 8.28 0.87 9.00
C GLY B 153 8.98 -0.47 9.02
N PHE B 154 8.66 -1.31 8.03
CA PHE B 154 9.15 -2.68 8.07
C PHE B 154 9.09 -3.31 6.68
N ASN B 155 9.87 -4.37 6.53
CA ASN B 155 9.76 -5.34 5.45
C ASN B 155 9.58 -6.73 6.04
N ILE B 156 9.00 -7.64 5.26
CA ILE B 156 8.78 -9.00 5.71
C ILE B 156 9.46 -9.92 4.72
N ASP B 157 10.41 -10.71 5.21
CA ASP B 157 11.10 -11.73 4.42
C ASP B 157 10.80 -13.10 5.00
N TYR B 158 10.08 -13.93 4.24
CA TYR B 158 9.66 -15.26 4.69
C TYR B 158 8.76 -15.04 5.90
N ASP B 159 9.10 -15.53 7.09
CA ASP B 159 8.29 -15.29 8.28
C ASP B 159 8.82 -14.14 9.13
N CYS B 160 9.88 -13.47 8.69
CA CYS B 160 10.66 -12.60 9.56
C CYS B 160 10.39 -11.14 9.24
N VAL B 161 9.99 -10.37 10.26
CA VAL B 161 9.75 -8.95 10.13
C VAL B 161 11.06 -8.22 10.41
N SER B 162 11.53 -7.46 9.43
CA SER B 162 12.69 -6.59 9.57
C SER B 162 12.17 -5.18 9.83
N PHE B 163 12.27 -4.73 11.08
CA PHE B 163 11.91 -3.36 11.42
C PHE B 163 13.04 -2.42 11.05
N CYS B 164 12.71 -1.37 10.33
CA CYS B 164 13.73 -0.44 9.88
C CYS B 164 13.47 1.02 10.20
N TYR B 165 12.27 1.41 10.64
CA TYR B 165 11.96 2.81 10.83
C TYR B 165 11.00 2.98 12.00
N MET B 166 11.22 4.03 12.79
CA MET B 166 10.28 4.47 13.80
C MET B 166 10.08 5.96 13.63
N HIS B 167 8.84 6.42 13.63
CA HIS B 167 8.57 7.80 13.27
C HIS B 167 8.72 8.76 14.46
N HIS B 168 9.41 9.89 14.21
CA HIS B 168 9.62 10.92 15.23
C HIS B 168 9.14 12.33 14.87
N MET B 169 9.25 12.77 13.62
CA MET B 169 8.90 14.17 13.39
C MET B 169 8.67 14.52 11.93
N GLU B 170 8.12 15.73 11.75
CA GLU B 170 7.84 16.33 10.45
C GLU B 170 8.73 17.54 10.25
N LEU B 171 9.07 17.81 9.00
CA LEU B 171 9.93 18.92 8.64
C LEU B 171 9.12 20.05 8.01
N PRO B 172 9.70 21.26 7.96
CA PRO B 172 8.97 22.39 7.34
C PRO B 172 8.39 22.08 5.97
N THR B 173 9.06 21.26 5.15
CA THR B 173 8.60 20.96 3.80
C THR B 173 7.52 19.87 3.76
N GLY B 174 7.08 19.36 4.91
CA GLY B 174 6.02 18.39 4.94
C GLY B 174 6.47 16.95 4.82
N VAL B 175 7.77 16.69 4.67
CA VAL B 175 8.28 15.33 4.70
C VAL B 175 8.63 14.95 6.14
N HIS B 176 9.05 13.71 6.34
CA HIS B 176 9.08 13.10 7.66
C HIS B 176 10.46 12.50 7.94
N ALA B 177 10.79 12.43 9.23
CA ALA B 177 12.11 11.98 9.68
C ALA B 177 11.98 11.09 10.91
N GLY B 178 12.92 10.18 11.06
CA GLY B 178 12.86 9.23 12.15
C GLY B 178 14.15 8.44 12.28
N THR B 179 14.06 7.37 13.07
CA THR B 179 15.20 6.57 13.47
C THR B 179 15.03 5.13 13.03
N ASP B 180 16.09 4.34 13.16
CA ASP B 180 15.95 2.90 13.15
C ASP B 180 15.51 2.45 14.54
N LEU B 181 15.39 1.15 14.74
CA LEU B 181 14.90 0.64 16.00
C LEU B 181 15.98 0.61 17.08
N GLU B 182 17.22 1.00 16.75
CA GLU B 182 18.22 1.32 17.76
C GLU B 182 18.25 2.80 18.12
N GLY B 183 17.32 3.59 17.59
CA GLY B 183 17.21 4.98 17.94
C GLY B 183 18.13 5.95 17.22
N ASN B 184 18.84 5.49 16.20
CA ASN B 184 19.73 6.37 15.43
C ASN B 184 18.96 6.98 14.29
N PHE B 185 18.90 8.31 14.24
CA PHE B 185 18.19 8.98 13.16
C PHE B 185 18.80 8.60 11.81
N TYR B 186 17.94 8.51 10.81
CA TYR B 186 18.38 8.58 9.43
C TYR B 186 18.62 10.05 9.12
N GLY B 187 19.80 10.37 8.60
CA GLY B 187 20.09 11.73 8.24
C GLY B 187 20.56 12.56 9.41
N PRO B 188 20.70 13.86 9.19
CA PRO B 188 21.36 14.72 10.20
C PRO B 188 20.40 15.31 11.21
N PHE B 189 19.23 14.69 11.40
CA PHE B 189 18.16 15.31 12.17
C PHE B 189 18.28 14.96 13.65
N VAL B 190 17.60 15.77 14.47
CA VAL B 190 17.56 15.59 15.92
C VAL B 190 16.13 15.74 16.40
N ASP B 191 15.80 15.07 17.52
CA ASP B 191 14.44 15.12 18.05
C ASP B 191 14.28 16.32 19.00
N ARG B 192 14.23 17.50 18.38
CA ARG B 192 13.94 18.78 19.03
C ARG B 192 12.86 19.48 18.21
N GLN B 193 11.99 20.21 18.89
CA GLN B 193 10.94 20.96 18.21
C GLN B 193 11.52 22.23 17.60
N THR B 194 12.57 22.05 16.78
CA THR B 194 13.23 23.14 16.09
C THR B 194 13.07 22.97 14.59
N ALA B 195 13.21 24.07 13.86
CA ALA B 195 13.15 24.02 12.40
C ALA B 195 14.45 23.43 11.86
N GLN B 196 14.32 22.40 11.04
CA GLN B 196 15.46 21.70 10.48
C GLN B 196 15.19 21.50 9.00
N ALA B 197 16.23 21.68 8.18
CA ALA B 197 16.10 21.57 6.74
C ALA B 197 16.67 20.25 6.28
N ALA B 198 15.94 19.56 5.41
CA ALA B 198 16.49 18.43 4.69
C ALA B 198 17.41 18.94 3.60
N GLY B 199 18.46 18.16 3.31
CA GLY B 199 19.28 18.45 2.15
C GLY B 199 18.47 18.38 0.87
N THR B 200 18.99 19.02 -0.18
CA THR B 200 18.33 18.94 -1.47
C THR B 200 18.15 17.48 -1.85
N ASP B 201 16.95 17.11 -2.25
CA ASP B 201 16.71 15.72 -2.60
C ASP B 201 17.19 15.48 -4.03
N THR B 202 17.45 14.20 -4.31
CA THR B 202 17.92 13.74 -5.60
C THR B 202 17.10 12.53 -6.02
N THR B 203 17.20 12.18 -7.30
CA THR B 203 16.47 11.04 -7.85
C THR B 203 17.21 9.75 -7.54
N ILE B 204 16.44 8.69 -7.19
CA ILE B 204 17.02 7.43 -6.78
C ILE B 204 17.38 6.59 -8.00
N THR B 205 18.64 6.71 -8.42
CA THR B 205 19.12 6.13 -9.66
C THR B 205 18.89 4.62 -9.69
N VAL B 206 19.20 3.94 -8.59
CA VAL B 206 19.12 2.49 -8.63
C VAL B 206 17.69 2.06 -8.90
N ASN B 207 16.73 2.80 -8.37
CA ASN B 207 15.34 2.46 -8.57
C ASN B 207 14.88 2.82 -9.97
N VAL B 208 15.38 3.91 -10.55
CA VAL B 208 15.07 4.20 -11.94
C VAL B 208 15.56 3.07 -12.84
N LEU B 209 16.78 2.56 -12.57
CA LEU B 209 17.29 1.45 -13.35
C LEU B 209 16.41 0.21 -13.17
N ALA B 210 15.97 -0.06 -11.95
CA ALA B 210 15.04 -1.16 -11.73
C ALA B 210 13.80 -1.00 -12.58
N TRP B 211 13.30 0.22 -12.65
CA TRP B 211 12.12 0.54 -13.47
C TRP B 211 12.37 0.28 -14.95
N LEU B 212 13.55 0.65 -15.45
CA LEU B 212 13.87 0.36 -16.85
C LEU B 212 13.93 -1.15 -17.10
N TYR B 213 14.55 -1.88 -16.16
CA TYR B 213 14.52 -3.35 -16.25
C TYR B 213 13.08 -3.87 -16.28
N ALA B 214 12.21 -3.32 -15.42
CA ALA B 214 10.81 -3.73 -15.44
C ALA B 214 10.17 -3.46 -16.79
N ALA B 215 10.47 -2.30 -17.39
CA ALA B 215 9.98 -2.01 -18.73
C ALA B 215 10.44 -3.08 -19.73
N VAL B 216 11.72 -3.43 -19.67
CA VAL B 216 12.26 -4.44 -20.58
C VAL B 216 11.56 -5.78 -20.38
N ILE B 217 11.38 -6.18 -19.11
CA ILE B 217 10.71 -7.45 -18.83
C ILE B 217 9.34 -7.49 -19.51
N ASN B 218 8.66 -6.35 -19.59
CA ASN B 218 7.33 -6.27 -20.19
C ASN B 218 7.36 -5.93 -21.68
N GLY B 219 8.49 -6.05 -22.32
CA GLY B 219 8.61 -5.88 -23.77
C GLY B 219 8.73 -4.46 -24.26
N ASP B 220 8.96 -3.50 -23.37
CA ASP B 220 9.10 -2.09 -23.71
C ASP B 220 10.59 -1.73 -23.65
N ARG B 221 11.26 -1.76 -24.80
CA ARG B 221 12.73 -1.69 -24.75
C ARG B 221 13.33 -0.76 -25.80
N TRP B 222 12.56 0.24 -26.26
CA TRP B 222 13.07 1.13 -27.31
C TRP B 222 14.34 1.86 -26.90
N PHE B 223 14.54 2.07 -25.59
CA PHE B 223 15.60 2.90 -25.05
C PHE B 223 16.93 2.17 -24.90
N LEU B 224 16.97 0.86 -25.14
CA LEU B 224 18.23 0.13 -25.05
C LEU B 224 19.12 0.55 -26.22
N ASN B 225 20.34 1.00 -25.92
CA ASN B 225 21.31 1.40 -26.94
C ASN B 225 22.44 0.38 -26.99
N ARG B 226 23.38 0.60 -27.90
CA ARG B 226 24.45 -0.35 -28.20
C ARG B 226 25.73 -0.10 -27.41
N PHE B 227 25.68 0.75 -26.39
CA PHE B 227 26.89 1.23 -25.74
C PHE B 227 26.90 0.83 -24.26
N THR B 228 28.01 1.15 -23.61
CA THR B 228 28.20 0.89 -22.20
C THR B 228 28.96 2.07 -21.64
N THR B 229 29.27 1.99 -20.34
CA THR B 229 29.93 3.07 -19.64
C THR B 229 30.67 2.47 -18.45
N THR B 230 31.58 3.24 -17.90
CA THR B 230 32.12 2.90 -16.59
C THR B 230 31.18 3.46 -15.53
N LEU B 231 31.29 2.91 -14.32
CA LEU B 231 30.46 3.37 -13.22
C LEU B 231 30.82 4.80 -12.82
N ASN B 232 32.11 5.10 -12.80
CA ASN B 232 32.54 6.45 -12.49
C ASN B 232 32.02 7.46 -13.52
N ASP B 233 32.21 7.18 -14.81
CA ASP B 233 31.71 8.11 -15.82
C ASP B 233 30.21 8.29 -15.68
N PHE B 234 29.46 7.20 -15.47
CA PHE B 234 28.03 7.35 -15.27
C PHE B 234 27.72 8.21 -14.04
N ASN B 235 28.42 7.96 -12.94
CA ASN B 235 28.13 8.69 -11.71
C ASN B 235 28.37 10.19 -11.89
N LEU B 236 29.42 10.55 -12.63
CA LEU B 236 29.71 11.97 -12.82
C LEU B 236 28.63 12.64 -13.66
N VAL B 237 28.18 11.98 -14.74
CA VAL B 237 27.08 12.54 -15.52
C VAL B 237 25.81 12.61 -14.68
N ALA B 238 25.49 11.51 -14.01
CA ALA B 238 24.23 11.44 -13.25
C ALA B 238 24.08 12.61 -12.30
N MET B 239 25.15 12.97 -11.59
CA MET B 239 25.07 14.04 -10.61
C MET B 239 24.72 15.37 -11.27
N LYS B 240 25.09 15.55 -12.54
CA LYS B 240 24.72 16.81 -13.20
C LYS B 240 23.23 16.91 -13.47
N TYR B 241 22.48 15.79 -13.41
CA TYR B 241 21.04 15.78 -13.59
C TYR B 241 20.30 15.57 -12.27
N ASN B 242 20.99 15.75 -11.16
CA ASN B 242 20.40 15.62 -9.84
C ASN B 242 19.98 14.17 -9.55
N TYR B 243 20.69 13.22 -10.16
CA TYR B 243 20.55 11.81 -9.84
C TYR B 243 21.63 11.38 -8.85
N GLU B 244 21.27 10.47 -7.96
CA GLU B 244 22.24 9.92 -7.01
C GLU B 244 23.31 9.12 -7.73
N PRO B 245 24.57 9.19 -7.30
CA PRO B 245 25.54 8.22 -7.80
C PRO B 245 25.20 6.82 -7.31
N LEU B 246 25.59 5.84 -8.12
CA LEU B 246 25.44 4.44 -7.74
C LEU B 246 26.58 4.01 -6.84
N THR B 247 26.26 3.14 -5.87
CA THR B 247 27.21 2.44 -5.05
C THR B 247 27.43 1.03 -5.61
N GLN B 248 28.46 0.36 -5.11
CA GLN B 248 28.66 -1.04 -5.44
C GLN B 248 27.46 -1.88 -4.99
N ASP B 249 26.86 -1.53 -3.84
CA ASP B 249 25.70 -2.28 -3.37
C ASP B 249 24.52 -2.12 -4.33
N HIS B 250 24.38 -0.94 -4.93
CA HIS B 250 23.36 -0.74 -5.96
C HIS B 250 23.59 -1.63 -7.17
N VAL B 251 24.83 -1.73 -7.64
CA VAL B 251 25.13 -2.61 -8.75
C VAL B 251 24.75 -4.03 -8.40
N ASP B 252 25.08 -4.48 -7.19
CA ASP B 252 24.78 -5.85 -6.79
C ASP B 252 23.28 -6.12 -6.66
N ILE B 253 22.50 -5.18 -6.12
CA ILE B 253 21.09 -5.49 -5.98
C ILE B 253 20.37 -5.47 -7.32
N LEU B 254 20.96 -4.86 -8.36
CA LEU B 254 20.43 -4.97 -9.72
C LEU B 254 20.80 -6.28 -10.39
N GLY B 255 21.61 -7.11 -9.74
CA GLY B 255 22.12 -8.32 -10.35
C GLY B 255 21.02 -9.25 -10.85
N PRO B 256 20.04 -9.54 -10.01
CA PRO B 256 18.97 -10.46 -10.45
C PRO B 256 18.21 -9.98 -11.67
N LEU B 257 17.94 -8.67 -11.78
CA LEU B 257 17.21 -8.16 -12.93
C LEU B 257 18.09 -8.16 -14.16
N SER B 258 19.37 -7.85 -13.97
CA SER B 258 20.35 -7.96 -15.05
C SER B 258 20.40 -9.38 -15.60
N ALA B 259 20.42 -10.36 -14.70
CA ALA B 259 20.44 -11.77 -15.11
C ALA B 259 19.14 -12.18 -15.79
N GLN B 260 18.01 -11.67 -15.29
CA GLN B 260 16.70 -12.01 -15.87
C GLN B 260 16.58 -11.51 -17.31
N THR B 261 17.14 -10.33 -17.59
CA THR B 261 17.04 -9.70 -18.90
C THR B 261 18.27 -9.91 -19.78
N GLY B 262 19.40 -10.29 -19.20
CA GLY B 262 20.64 -10.39 -19.95
C GLY B 262 21.25 -9.05 -20.30
N ILE B 263 20.80 -7.99 -19.65
CA ILE B 263 21.33 -6.64 -19.89
C ILE B 263 22.25 -6.28 -18.73
N ALA B 264 23.55 -6.16 -19.00
CA ALA B 264 24.51 -5.76 -17.99
C ALA B 264 24.10 -4.46 -17.34
N VAL B 265 24.35 -4.36 -16.03
CA VAL B 265 24.00 -3.15 -15.31
C VAL B 265 24.58 -1.91 -15.98
N LEU B 266 25.86 -1.96 -16.37
CA LEU B 266 26.51 -0.78 -16.93
C LEU B 266 25.99 -0.45 -18.33
N ASP B 267 25.51 -1.47 -19.07
CA ASP B 267 24.81 -1.19 -20.31
C ASP B 267 23.49 -0.45 -20.04
N MET B 268 22.74 -0.86 -19.01
CA MET B 268 21.54 -0.10 -18.71
C MET B 268 21.90 1.31 -18.28
N CYS B 269 23.01 1.47 -17.55
CA CYS B 269 23.45 2.82 -17.16
C CYS B 269 23.69 3.69 -18.38
N ALA B 270 24.26 3.10 -19.44
CA ALA B 270 24.47 3.88 -20.65
C ALA B 270 23.14 4.27 -21.30
N SER B 271 22.15 3.37 -21.28
CA SER B 271 20.84 3.72 -21.79
C SER B 271 20.21 4.85 -20.99
N LEU B 272 20.31 4.78 -19.66
CA LEU B 272 19.75 5.85 -18.84
C LEU B 272 20.48 7.16 -19.12
N LYS B 273 21.80 7.11 -19.22
CA LYS B 273 22.57 8.31 -19.50
C LYS B 273 22.08 9.00 -20.78
N GLU B 274 21.76 8.19 -21.80
CA GLU B 274 21.27 8.80 -23.05
C GLU B 274 19.90 9.41 -22.85
N LEU B 275 19.05 8.79 -22.00
CA LEU B 275 17.76 9.38 -21.69
C LEU B 275 17.95 10.73 -20.99
N LEU B 276 18.88 10.80 -20.05
CA LEU B 276 19.12 12.04 -19.33
C LEU B 276 19.60 13.13 -20.28
N GLN B 277 20.60 12.80 -21.09
CA GLN B 277 21.21 13.80 -21.97
C GLN B 277 20.29 14.18 -23.13
N ASN B 278 19.57 13.22 -23.69
CA ASN B 278 18.77 13.51 -24.88
C ASN B 278 17.29 13.69 -24.58
N GLY B 279 16.84 13.37 -23.38
CA GLY B 279 15.43 13.46 -23.06
C GLY B 279 14.62 12.31 -23.65
N MET B 280 13.32 12.36 -23.37
CA MET B 280 12.42 11.29 -23.76
C MET B 280 11.94 11.42 -25.21
N ASN B 281 11.88 12.64 -25.73
CA ASN B 281 11.43 12.88 -27.11
C ASN B 281 9.95 12.50 -27.28
N GLY B 282 9.12 12.89 -26.31
CA GLY B 282 7.71 12.59 -26.37
C GLY B 282 7.35 11.13 -26.26
N ARG B 283 8.33 10.23 -26.16
CA ARG B 283 8.02 8.82 -25.99
C ARG B 283 7.70 8.53 -24.53
N THR B 284 7.23 7.32 -24.29
CA THR B 284 6.88 6.86 -22.96
C THR B 284 7.59 5.55 -22.66
N ILE B 285 7.67 5.24 -21.37
CA ILE B 285 8.20 3.99 -20.87
C ILE B 285 7.19 3.46 -19.87
N LEU B 286 6.69 2.25 -20.10
CA LEU B 286 5.62 1.70 -19.29
C LEU B 286 4.45 2.67 -19.23
N GLY B 287 4.25 3.43 -20.32
CA GLY B 287 3.10 4.29 -20.45
C GLY B 287 3.24 5.65 -19.82
N SER B 288 4.46 6.13 -19.58
CA SER B 288 4.65 7.41 -18.93
C SER B 288 5.94 8.04 -19.45
N ALA B 289 5.93 9.38 -19.53
CA ALA B 289 7.14 10.13 -19.83
C ALA B 289 7.99 10.37 -18.60
N LEU B 290 7.48 10.07 -17.41
CA LEU B 290 8.22 10.27 -16.18
C LEU B 290 8.82 8.96 -15.71
N LEU B 291 10.08 9.03 -15.29
CA LEU B 291 10.76 7.85 -14.75
C LEU B 291 10.44 7.70 -13.26
N GLU B 292 9.99 6.52 -12.89
CA GLU B 292 9.62 6.23 -11.52
C GLU B 292 10.86 5.86 -10.70
N ASP B 293 10.97 6.40 -9.47
CA ASP B 293 12.15 6.11 -8.67
C ASP B 293 11.84 5.57 -7.27
N GLU B 294 10.62 5.08 -7.05
CA GLU B 294 10.27 4.52 -5.74
C GLU B 294 9.89 3.04 -5.80
N PHE B 295 10.31 2.33 -6.86
CA PHE B 295 10.25 0.88 -6.93
C PHE B 295 11.68 0.33 -6.91
N THR B 296 11.99 -0.46 -5.90
CA THR B 296 13.31 -1.08 -5.80
C THR B 296 13.40 -2.29 -6.71
N PRO B 297 14.62 -2.80 -6.91
CA PRO B 297 14.76 -4.06 -7.68
C PRO B 297 13.96 -5.18 -7.06
N PHE B 298 13.86 -5.23 -5.72
CA PHE B 298 13.02 -6.25 -5.07
C PHE B 298 11.54 -6.02 -5.36
N ASP B 299 11.09 -4.77 -5.32
CA ASP B 299 9.69 -4.46 -5.64
C ASP B 299 9.34 -4.91 -7.05
N VAL B 300 10.23 -4.66 -8.02
CA VAL B 300 9.97 -5.00 -9.40
C VAL B 300 9.80 -6.51 -9.54
N VAL B 301 10.69 -7.28 -8.92
CA VAL B 301 10.64 -8.72 -9.08
C VAL B 301 9.35 -9.27 -8.46
N ARG B 302 8.95 -8.72 -7.31
CA ARG B 302 7.71 -9.15 -6.66
C ARG B 302 6.52 -9.02 -7.60
N GLN B 303 6.44 -7.91 -8.34
CA GLN B 303 5.27 -7.64 -9.16
C GLN B 303 5.38 -8.18 -10.57
N CYS B 304 6.59 -8.48 -11.05
CA CYS B 304 6.74 -9.11 -12.35
C CYS B 304 6.68 -10.63 -12.23
N SER B 305 7.33 -11.19 -11.20
CA SER B 305 7.51 -12.62 -11.09
C SER B 305 6.77 -13.27 -9.93
N GLY B 306 6.36 -12.49 -8.93
CA GLY B 306 5.61 -13.05 -7.81
C GLY B 306 6.46 -13.64 -6.72
C11 YMG C . -6.39 -16.92 -11.87
C12 YMG C . -5.72 -15.53 -11.75
C13 YMG C . -5.37 -14.91 -13.02
C14 YMG C . -4.82 -13.42 -12.78
C16 YMG C . -3.33 -14.71 -14.11
C02 YMG C . -7.95 -16.16 -16.55
C04 YMG C . -8.94 -17.58 -14.71
C05 YMG C . -9.71 -18.89 -14.58
C06 YMG C . -11.00 -18.86 -15.38
C07 YMG C . -11.94 -17.78 -14.87
C08 YMG C . -11.69 -20.22 -15.37
C09 YMG C . -7.67 -17.67 -13.89
C17 YMG C . -4.21 -15.65 -13.62
C19 YMG C . -6.73 -17.56 -10.53
C23 YMG C . -6.90 -14.98 -18.29
C24 YMG C . -5.39 -15.06 -18.05
C25 YMG C . -4.66 -13.89 -18.68
C26 YMG C . -4.99 -13.72 -20.15
C27 YMG C . -4.35 -12.41 -20.63
C28 YMG C . -4.37 -14.86 -20.96
C29 YMG C . -6.49 -13.65 -20.41
C30 YMG C . -7.24 -14.81 -19.77
N03 YMG C . -8.61 -17.37 -16.10
N10 YMG C . -7.57 -16.87 -12.69
N15 YMG C . -3.64 -13.33 -13.41
O01 YMG C . -7.82 -15.24 -15.84
O18 YMG C . -5.35 -12.57 -12.18
O20 YMG C . -5.61 -17.60 -9.68
O21 YMG C . -6.77 -18.36 -14.23
O22 YMG C . -7.50 -16.16 -17.86
C02 YMD D . -7.96 -16.17 -16.55
C04 YMD D . -8.95 -17.58 -14.71
C05 YMD D . -9.71 -18.90 -14.58
C06 YMD D . -11.01 -18.87 -15.38
C07 YMD D . -11.94 -17.78 -14.87
C08 YMD D . -11.68 -20.23 -15.37
C09 YMD D . -7.68 -17.66 -13.89
C11 YMD D . -6.41 -16.92 -11.86
C12 YMD D . -5.74 -15.53 -11.76
C13 YMD D . -5.38 -14.90 -13.03
C14 YMD D . -4.82 -13.42 -12.79
C16 YMD D . -3.33 -14.71 -14.11
C17 YMD D . -4.21 -15.65 -13.63
C19 YMD D . -6.70 -17.53 -10.49
C23 YMD D . -6.90 -14.98 -18.29
C24 YMD D . -5.39 -15.06 -18.05
C25 YMD D . -4.66 -13.89 -18.68
C26 YMD D . -4.99 -13.72 -20.16
C27 YMD D . -4.36 -12.42 -20.64
C28 YMD D . -4.37 -14.86 -20.96
C29 YMD D . -6.49 -13.65 -20.41
C30 YMD D . -7.24 -14.81 -19.76
N03 YMD D . -8.61 -17.37 -16.10
N10 YMD D . -7.60 -16.88 -12.69
N15 YMD D . -3.64 -13.33 -13.41
O01 YMD D . -7.82 -15.24 -15.84
O18 YMD D . -5.34 -12.57 -12.19
O20 YMD D . -7.07 -18.87 -10.72
O21 YMD D . -6.77 -18.34 -14.24
O22 YMD D . -7.50 -16.16 -17.86
C11 YMG E . 4.83 13.89 16.20
C12 YMG E . 4.36 13.70 14.73
C13 YMG E . 4.53 14.89 13.91
C14 YMG E . 4.23 14.59 12.37
C16 YMG E . 2.77 16.27 13.21
C02 YMG E . 7.65 17.97 15.13
C04 YMG E . 7.87 16.21 16.95
C05 YMG E . 8.35 16.16 18.39
C06 YMG E . 9.82 16.55 18.49
C07 YMG E . 10.66 15.57 17.70
C08 YMG E . 10.28 16.61 19.94
C09 YMG E . 6.44 15.73 16.89
C17 YMG E . 3.53 15.94 14.31
C19 YMG E . 4.83 12.61 17.06
C23 YMG E . 7.41 19.69 13.54
C24 YMG E . 5.95 19.97 13.23
C25 YMG E . 5.78 20.55 11.83
C26 YMG E . 6.63 21.80 11.63
C27 YMG E . 6.53 22.19 10.16
C28 YMG E . 6.07 22.95 12.46
C29 YMG E . 8.09 21.57 11.97
C30 YMG E . 8.28 20.92 13.35
N03 YMG E . 7.99 17.58 16.47
N10 YMG E . 6.18 14.46 16.27
N15 YMG E . 3.23 15.39 11.99
O01 YMG E . 7.49 17.18 14.28
O18 YMG E . 4.79 13.83 11.68
O20 YMG E . 3.56 12.03 17.01
O21 YMG E . 5.55 16.38 17.33
O22 YMG E . 7.51 19.33 14.89
C02 YMD F . 7.68 17.97 15.14
C04 YMD F . 7.90 16.23 16.97
C05 YMD F . 8.36 16.19 18.42
C06 YMD F . 9.82 16.55 18.52
C07 YMD F . 10.65 15.55 17.72
C08 YMD F . 10.29 16.59 19.96
C09 YMD F . 6.47 15.73 16.88
C11 YMD F . 4.92 13.87 16.17
C12 YMD F . 4.46 13.72 14.69
C13 YMD F . 4.55 14.93 13.89
C14 YMD F . 4.23 14.61 12.36
C16 YMD F . 2.82 16.33 13.19
C17 YMD F . 3.45 15.88 14.32
C19 YMD F . 4.81 12.58 17.01
C23 YMD F . 7.41 19.69 13.55
C24 YMD F . 5.94 19.97 13.25
C25 YMD F . 5.76 20.53 11.84
C26 YMD F . 6.61 21.78 11.61
C27 YMD F . 6.49 22.15 10.14
C28 YMD F . 6.06 22.94 12.45
C29 YMD F . 8.07 21.56 11.96
C30 YMD F . 8.27 20.94 13.34
N03 YMD F . 8.02 17.59 16.48
N10 YMD F . 6.25 14.44 16.28
N15 YMD F . 3.24 15.42 11.98
O01 YMD F . 7.52 17.18 14.28
O18 YMD F . 4.78 13.83 11.68
O20 YMD F . 5.03 12.94 18.34
O21 YMD F . 5.57 16.39 17.28
O22 YMD F . 7.54 19.34 14.89
O1 PG4 G . 20.97 -17.48 -23.90
C1 PG4 G . 20.03 -17.04 -24.87
C2 PG4 G . 19.73 -15.57 -24.70
O2 PG4 G . 18.37 -15.36 -24.37
C3 PG4 G . 18.17 -14.12 -23.68
C4 PG4 G . 18.51 -14.27 -22.23
O3 PG4 G . 17.92 -13.22 -21.46
C5 PG4 G . 18.25 -13.38 -20.09
C6 PG4 G . 17.62 -14.64 -19.58
O4 PG4 G . 17.28 -14.58 -18.23
C7 PG4 G . 16.49 -15.74 -18.02
C8 PG4 G . 15.05 -15.39 -18.14
O5 PG4 G . 14.80 -14.06 -17.74
#